data_1GH7
#
_entry.id   1GH7
#
_cell.length_a   185.7
_cell.length_b   185.7
_cell.length_c   103.3
_cell.angle_alpha   90.0
_cell.angle_beta   90.0
_cell.angle_gamma   120.0
#
_symmetry.space_group_name_H-M   'H 3'
#
loop_
_entity.id
_entity.type
_entity.pdbx_description
1 polymer 'CYTOKINE RECEPTOR COMMON BETA CHAIN'
2 branched beta-D-mannopyranose-(1-4)-2-acetamido-2-deoxy-beta-D-glucopyranose-(1-4)-2-acetamido-2-deoxy-beta-D-glucopyranose
3 branched 2-acetamido-2-deoxy-beta-D-glucopyranose-(1-4)-[alpha-L-fucopyranose-(1-6)]2-acetamido-2-deoxy-beta-D-glucopyranose
#
_entity_poly.entity_id   1
_entity_poly.type   'polypeptide(L)'
_entity_poly.pdbx_seq_one_letter_code
;EETIPLQTLRCYNDYTSHITCRWADTQDAQRLVNVTLIRRVNEDLLEPVSCDLSDDMPWSACPHPRCVPRRCVIPCQSFV
VTDVDYFSFQPDRPLGTRLTVTLTQHVQPPEPRDLQISTDQDHFLLTWSVALGSPQSHWLSPGDLEFEVVYKRLQDSWED
AAILLSNTSQATLGPEHLMPSSTYVARVRTRLAPGSRLSGRPSKWSPEVCWDSQPGDEAQPQNLECFFDGAAVLSCSWEV
RKEVASSVSFGLFYKPSPDAGSAVLLREEECSPVLREGLGSLHTRHHCQIPVPDPATHGQYIVSVQPRRAEKHIKSSVNI
QMAPPSLQVTKDGDSYSLRWETMKMRYEHIDHTFEIQYRKDTATWKDSKTETLQNAHSMALPALEPSTRYWARVRVRTSR
TGYNGIWSEWSEARSWDTE
;
_entity_poly.pdbx_strand_id   A,B
#
loop_
_chem_comp.id
_chem_comp.type
_chem_comp.name
_chem_comp.formula
BMA D-saccharide, beta linking beta-D-mannopyranose 'C6 H12 O6'
FUC L-saccharide, alpha linking alpha-L-fucopyranose 'C6 H12 O5'
NAG D-saccharide, beta linking 2-acetamido-2-deoxy-beta-D-glucopyranose 'C8 H15 N O6'
#
# COMPACT_ATOMS: atom_id res chain seq x y z
N GLU A 1 -18.15 -13.12 28.25
CA GLU A 1 -17.62 -14.28 27.54
C GLU A 1 -17.90 -14.16 26.04
N GLU A 2 -16.98 -13.52 25.32
CA GLU A 2 -17.05 -13.27 23.87
C GLU A 2 -18.35 -13.50 23.12
N THR A 3 -18.69 -14.75 22.86
CA THR A 3 -19.93 -15.05 22.16
C THR A 3 -21.07 -14.18 22.64
N ILE A 4 -21.59 -13.34 21.74
CA ILE A 4 -22.68 -12.43 22.04
C ILE A 4 -23.81 -13.02 22.87
N PRO A 5 -24.44 -14.11 22.42
CA PRO A 5 -25.52 -14.62 23.28
C PRO A 5 -25.12 -14.88 24.75
N LEU A 6 -23.91 -15.43 24.94
CA LEU A 6 -23.36 -15.75 26.27
C LEU A 6 -23.06 -14.42 26.97
N GLN A 7 -22.37 -13.54 26.26
CA GLN A 7 -22.00 -12.23 26.78
C GLN A 7 -23.22 -11.55 27.39
N THR A 8 -24.26 -11.42 26.59
CA THR A 8 -25.45 -10.79 27.05
C THR A 8 -26.53 -11.82 27.34
N LEU A 9 -26.47 -12.44 28.52
CA LEU A 9 -27.42 -13.47 28.96
C LEU A 9 -27.56 -13.39 30.48
N ARG A 10 -28.76 -13.07 30.93
CA ARG A 10 -29.03 -12.97 32.36
C ARG A 10 -30.26 -13.81 32.59
N CYS A 11 -30.25 -14.60 33.65
CA CYS A 11 -31.41 -15.43 33.94
C CYS A 11 -31.89 -15.15 35.35
N TYR A 12 -33.02 -14.49 35.47
CA TYR A 12 -33.54 -14.18 36.76
C TYR A 12 -34.74 -15.06 37.07
N ASN A 13 -34.74 -15.59 38.28
CA ASN A 13 -35.80 -16.46 38.74
C ASN A 13 -36.37 -16.01 40.10
N ASP A 14 -37.40 -16.71 40.54
CA ASP A 14 -38.06 -16.44 41.79
C ASP A 14 -38.13 -17.78 42.53
N TYR A 15 -37.77 -17.78 43.80
CA TYR A 15 -37.82 -19.00 44.57
C TYR A 15 -39.26 -19.52 44.65
N THR A 16 -39.80 -19.94 43.49
CA THR A 16 -41.14 -20.47 43.39
C THR A 16 -41.22 -21.49 42.27
N SER A 17 -41.33 -21.01 41.05
CA SER A 17 -41.41 -21.88 39.88
C SER A 17 -41.53 -21.02 38.63
N HIS A 18 -40.53 -20.19 38.39
CA HIS A 18 -40.55 -19.32 37.22
C HIS A 18 -39.17 -18.71 37.04
N ILE A 19 -38.41 -19.21 36.07
CA ILE A 19 -37.08 -18.67 35.82
C ILE A 19 -37.01 -18.20 34.36
N THR A 20 -36.82 -16.89 34.18
CA THR A 20 -36.74 -16.26 32.86
C THR A 20 -35.34 -15.83 32.54
N CYS A 21 -34.93 -16.18 31.32
CA CYS A 21 -33.61 -15.87 30.80
C CYS A 21 -33.79 -14.92 29.63
N ARG A 22 -32.84 -14.01 29.49
CA ARG A 22 -32.89 -13.05 28.41
C ARG A 22 -31.53 -12.88 27.79
N TRP A 23 -31.43 -13.23 26.51
CA TRP A 23 -30.18 -13.12 25.77
C TRP A 23 -30.53 -12.62 24.40
N ALA A 24 -29.52 -12.41 23.57
CA ALA A 24 -29.75 -11.93 22.23
C ALA A 24 -28.78 -12.57 21.27
N ASP A 25 -29.00 -12.32 19.99
CA ASP A 25 -28.17 -12.86 18.93
C ASP A 25 -28.00 -11.73 17.94
N THR A 26 -26.96 -11.84 17.12
CA THR A 26 -26.69 -10.82 16.11
C THR A 26 -27.40 -11.23 14.84
N GLN A 27 -28.17 -10.29 14.30
CA GLN A 27 -28.94 -10.48 13.09
C GLN A 27 -28.04 -10.95 11.92
N ASP A 28 -26.78 -10.56 11.93
CA ASP A 28 -25.87 -10.96 10.87
C ASP A 28 -25.55 -12.44 10.92
N ALA A 29 -25.18 -12.94 12.09
CA ALA A 29 -24.85 -14.35 12.26
C ALA A 29 -26.04 -15.25 11.95
N GLN A 30 -27.23 -14.69 12.12
CA GLN A 30 -28.44 -15.46 11.86
C GLN A 30 -28.57 -16.08 10.48
N ARG A 31 -28.10 -15.40 9.44
CA ARG A 31 -28.20 -15.97 8.09
C ARG A 31 -27.13 -17.02 7.81
N LEU A 32 -26.36 -17.37 8.83
CA LEU A 32 -25.31 -18.36 8.68
C LEU A 32 -25.52 -19.47 9.70
N VAL A 33 -25.75 -19.06 10.94
CA VAL A 33 -25.98 -20.02 12.00
C VAL A 33 -27.03 -19.47 12.94
N ASN A 34 -27.76 -20.37 13.59
CA ASN A 34 -28.81 -20.00 14.53
C ASN A 34 -28.52 -20.82 15.75
N VAL A 35 -28.73 -20.25 16.92
CA VAL A 35 -28.45 -20.99 18.13
C VAL A 35 -29.66 -21.10 19.04
N THR A 36 -29.68 -22.17 19.82
CA THR A 36 -30.78 -22.45 20.76
C THR A 36 -30.19 -22.51 22.17
N LEU A 37 -30.85 -21.87 23.13
CA LEU A 37 -30.37 -21.86 24.50
C LEU A 37 -30.53 -23.24 25.14
N ILE A 38 -29.58 -23.63 25.98
CA ILE A 38 -29.62 -24.93 26.64
C ILE A 38 -29.31 -24.85 28.13
N ARG A 39 -30.00 -25.64 28.94
CA ARG A 39 -29.76 -25.64 30.38
C ARG A 39 -29.17 -26.97 30.74
N ARG A 40 -28.25 -26.94 31.70
CA ARG A 40 -27.56 -28.13 32.19
C ARG A 40 -28.34 -28.63 33.40
N VAL A 41 -28.98 -29.78 33.25
CA VAL A 41 -29.76 -30.37 34.34
C VAL A 41 -28.86 -30.97 35.41
N ASN A 42 -28.03 -31.94 35.02
CA ASN A 42 -27.14 -32.58 35.97
C ASN A 42 -25.86 -33.01 35.25
N GLU A 43 -25.99 -33.48 34.02
CA GLU A 43 -24.83 -33.90 33.26
C GLU A 43 -25.25 -34.08 31.81
N ASP A 44 -25.50 -35.32 31.39
CA ASP A 44 -25.91 -35.57 30.01
C ASP A 44 -27.36 -35.16 29.75
N LEU A 45 -28.00 -34.50 30.72
CA LEU A 45 -29.37 -34.05 30.58
C LEU A 45 -29.36 -32.60 30.10
N LEU A 46 -28.88 -32.39 28.87
CA LEU A 46 -28.81 -31.05 28.30
C LEU A 46 -30.20 -30.74 27.76
N GLU A 47 -31.09 -30.36 28.67
CA GLU A 47 -32.48 -30.02 28.33
C GLU A 47 -32.53 -28.64 27.69
N PRO A 48 -33.02 -28.55 26.45
CA PRO A 48 -33.13 -27.28 25.71
C PRO A 48 -34.08 -26.28 26.36
N VAL A 49 -33.92 -25.01 26.03
CA VAL A 49 -34.75 -23.95 26.57
C VAL A 49 -35.54 -23.29 25.45
N SER A 50 -36.83 -23.06 25.69
CA SER A 50 -37.69 -22.45 24.70
C SER A 50 -37.51 -20.95 24.75
N CYS A 51 -37.40 -20.32 23.59
CA CYS A 51 -37.22 -18.88 23.58
C CYS A 51 -38.05 -18.25 22.49
N ASP A 52 -38.70 -17.14 22.82
CA ASP A 52 -39.51 -16.42 21.86
C ASP A 52 -38.87 -15.05 21.73
N LEU A 53 -39.04 -14.43 20.57
CA LEU A 53 -38.48 -13.12 20.29
C LEU A 53 -38.94 -12.02 21.23
N SER A 54 -38.10 -11.03 21.40
CA SER A 54 -38.40 -9.90 22.27
C SER A 54 -37.82 -8.69 21.57
N ASP A 55 -38.24 -7.50 21.99
CA ASP A 55 -37.71 -6.29 21.37
C ASP A 55 -36.86 -5.53 22.36
N ASP A 56 -37.18 -5.65 23.64
CA ASP A 56 -36.44 -4.96 24.69
C ASP A 56 -35.32 -5.79 25.30
N MET A 57 -34.23 -5.12 25.69
CA MET A 57 -33.06 -5.77 26.32
C MET A 57 -32.80 -5.01 27.61
N PRO A 58 -33.50 -5.39 28.69
CA PRO A 58 -33.23 -4.63 29.91
C PRO A 58 -32.07 -5.16 30.76
N TRP A 59 -32.18 -6.40 31.18
CA TRP A 59 -31.16 -7.05 32.00
C TRP A 59 -29.71 -6.84 31.57
N SER A 60 -29.48 -6.73 30.27
CA SER A 60 -28.13 -6.52 29.72
C SER A 60 -28.19 -5.78 28.40
N ALA A 61 -27.06 -5.22 28.00
CA ALA A 61 -26.99 -4.48 26.75
C ALA A 61 -26.35 -5.32 25.65
N CYS A 62 -26.61 -4.98 24.40
CA CYS A 62 -26.06 -5.71 23.27
C CYS A 62 -25.10 -4.76 22.54
N PRO A 63 -23.81 -5.15 22.43
CA PRO A 63 -22.75 -4.38 21.77
C PRO A 63 -22.75 -4.50 20.25
N HIS A 64 -23.85 -4.98 19.69
CA HIS A 64 -23.96 -5.14 18.24
C HIS A 64 -24.73 -3.95 17.66
N PRO A 65 -24.81 -3.87 16.33
CA PRO A 65 -25.54 -2.76 15.72
C PRO A 65 -26.99 -3.17 15.51
N ARG A 66 -27.21 -4.44 15.25
CA ARG A 66 -28.57 -4.93 15.02
C ARG A 66 -28.69 -6.28 15.70
N CYS A 67 -29.29 -6.29 16.90
CA CYS A 67 -29.48 -7.51 17.70
C CYS A 67 -30.90 -8.09 17.57
N VAL A 68 -31.01 -9.36 17.94
CA VAL A 68 -32.26 -10.09 17.90
C VAL A 68 -32.52 -10.58 19.32
N PRO A 69 -32.90 -9.66 20.23
CA PRO A 69 -33.17 -10.01 21.62
C PRO A 69 -34.22 -11.08 21.73
N ARG A 70 -34.05 -11.95 22.72
CA ARG A 70 -34.99 -13.03 22.94
C ARG A 70 -35.31 -13.17 24.42
N ARG A 71 -36.51 -13.66 24.73
CA ARG A 71 -36.97 -13.85 26.09
C ARG A 71 -37.29 -15.34 26.23
N CYS A 72 -36.70 -15.99 27.21
CA CYS A 72 -36.95 -17.42 27.40
C CYS A 72 -37.50 -17.71 28.78
N VAL A 73 -38.49 -18.59 28.85
CA VAL A 73 -39.10 -18.96 30.12
C VAL A 73 -38.87 -20.43 30.38
N ILE A 74 -38.42 -20.78 31.57
CA ILE A 74 -38.18 -22.17 31.90
C ILE A 74 -38.86 -22.51 33.21
N PRO A 75 -39.42 -23.72 33.33
CA PRO A 75 -40.13 -24.26 34.49
C PRO A 75 -39.39 -24.59 35.79
N CYS A 76 -40.19 -24.97 36.80
CA CYS A 76 -39.71 -25.33 38.13
C CYS A 76 -38.55 -26.29 38.16
N GLN A 77 -37.39 -25.80 38.57
CA GLN A 77 -36.17 -26.59 38.67
C GLN A 77 -35.94 -26.69 40.17
N SER A 78 -37.02 -26.46 40.93
CA SER A 78 -37.06 -26.49 42.40
C SER A 78 -35.86 -25.81 43.02
N PHE A 79 -36.01 -24.50 43.22
CA PHE A 79 -34.99 -23.64 43.78
C PHE A 79 -34.70 -23.92 45.24
N VAL A 80 -33.41 -23.92 45.56
CA VAL A 80 -32.95 -24.16 46.90
C VAL A 80 -31.58 -23.50 46.99
N VAL A 81 -31.21 -23.03 48.19
CA VAL A 81 -29.92 -22.39 48.36
C VAL A 81 -28.87 -23.27 47.70
N THR A 82 -27.76 -22.66 47.30
CA THR A 82 -26.67 -23.37 46.64
C THR A 82 -27.20 -24.35 45.60
N ASP A 83 -27.61 -23.77 44.48
CA ASP A 83 -28.16 -24.46 43.33
C ASP A 83 -27.67 -23.65 42.13
N VAL A 84 -26.77 -24.23 41.33
CA VAL A 84 -26.23 -23.55 40.15
C VAL A 84 -26.48 -24.36 38.89
N ASP A 85 -27.14 -23.72 37.92
CA ASP A 85 -27.41 -24.39 36.64
C ASP A 85 -26.71 -23.66 35.53
N TYR A 86 -26.06 -24.45 34.66
CA TYR A 86 -25.30 -23.93 33.50
C TYR A 86 -26.04 -23.81 32.17
N PHE A 87 -25.81 -22.69 31.51
CA PHE A 87 -26.44 -22.43 30.24
C PHE A 87 -25.43 -22.38 29.13
N SER A 88 -25.77 -23.00 28.01
CA SER A 88 -24.92 -23.04 26.85
C SER A 88 -25.77 -22.70 25.63
N PHE A 89 -25.15 -22.54 24.48
CA PHE A 89 -25.88 -22.23 23.27
C PHE A 89 -25.51 -23.26 22.24
N GLN A 90 -26.50 -24.01 21.77
CA GLN A 90 -26.25 -25.04 20.78
C GLN A 90 -26.59 -24.57 19.38
N PRO A 91 -25.64 -24.71 18.44
CA PRO A 91 -25.85 -24.31 17.04
C PRO A 91 -26.81 -25.26 16.35
N ASP A 92 -27.61 -24.73 15.42
CA ASP A 92 -28.59 -25.54 14.69
C ASP A 92 -27.99 -26.72 13.95
N ARG A 93 -26.75 -26.60 13.45
CA ARG A 93 -26.12 -27.70 12.73
C ARG A 93 -24.69 -27.96 13.19
N PRO A 94 -24.24 -29.22 13.17
CA PRO A 94 -22.88 -29.56 13.59
C PRO A 94 -21.84 -28.83 12.75
N LEU A 95 -20.93 -28.13 13.42
CA LEU A 95 -19.90 -27.39 12.74
C LEU A 95 -18.52 -27.87 13.19
N GLY A 96 -17.54 -27.84 12.29
CA GLY A 96 -16.20 -28.26 12.64
C GLY A 96 -15.40 -28.86 11.49
N THR A 97 -14.09 -28.98 11.70
CA THR A 97 -13.18 -29.57 10.73
C THR A 97 -12.14 -30.42 11.48
N ARG A 98 -11.65 -31.43 10.79
CA ARG A 98 -10.64 -32.35 11.32
C ARG A 98 -9.45 -32.47 10.38
N LEU A 99 -8.33 -32.93 10.92
CA LEU A 99 -7.13 -33.08 10.11
C LEU A 99 -6.19 -34.06 10.80
N THR A 100 -5.88 -35.16 10.14
CA THR A 100 -4.99 -36.15 10.71
C THR A 100 -3.55 -35.73 10.37
N VAL A 101 -2.84 -35.14 11.34
CA VAL A 101 -1.47 -34.69 11.10
C VAL A 101 -0.33 -35.65 11.50
N THR A 102 0.53 -35.93 10.53
CA THR A 102 1.68 -36.81 10.73
C THR A 102 2.87 -35.86 10.72
N LEU A 103 3.41 -35.60 11.90
CA LEU A 103 4.55 -34.71 12.09
C LEU A 103 5.55 -34.65 10.93
N THR A 104 6.15 -35.77 10.58
CA THR A 104 7.13 -35.75 9.49
C THR A 104 6.67 -35.05 8.21
N GLN A 105 5.45 -35.32 7.76
CA GLN A 105 4.89 -34.72 6.56
C GLN A 105 4.35 -33.30 6.73
N HIS A 106 4.58 -32.70 7.88
CA HIS A 106 4.10 -31.34 8.12
C HIS A 106 5.14 -30.58 8.93
N VAL A 107 6.37 -30.58 8.46
CA VAL A 107 7.42 -29.88 9.19
C VAL A 107 7.79 -28.55 8.60
N GLN A 108 7.78 -27.53 9.46
CA GLN A 108 8.13 -26.19 9.05
C GLN A 108 9.36 -25.81 9.84
N PRO A 109 10.55 -25.81 9.19
CA PRO A 109 11.86 -25.47 9.78
C PRO A 109 11.87 -24.08 10.41
N PRO A 110 12.68 -23.88 11.45
CA PRO A 110 12.72 -22.56 12.08
C PRO A 110 13.32 -21.58 11.11
N GLU A 111 13.08 -20.30 11.35
CA GLU A 111 13.60 -19.22 10.50
C GLU A 111 15.03 -18.91 10.87
N PRO A 112 15.84 -18.52 9.88
CA PRO A 112 17.23 -18.18 10.15
C PRO A 112 17.35 -16.85 10.91
N ARG A 113 18.52 -16.64 11.52
CA ARG A 113 18.77 -15.42 12.29
C ARG A 113 20.21 -14.94 12.17
N ASP A 114 20.54 -13.88 12.88
CA ASP A 114 21.89 -13.31 12.86
C ASP A 114 22.42 -13.17 11.44
N LEU A 115 21.58 -12.66 10.56
CA LEU A 115 21.93 -12.46 9.17
C LEU A 115 22.88 -11.29 9.08
N GLN A 116 24.06 -11.53 8.52
CA GLN A 116 25.06 -10.49 8.36
C GLN A 116 25.89 -10.77 7.11
N ILE A 117 26.43 -9.71 6.53
CA ILE A 117 27.24 -9.81 5.33
C ILE A 117 28.62 -9.20 5.48
N SER A 118 29.65 -10.02 5.29
CA SER A 118 31.03 -9.57 5.40
C SER A 118 31.56 -9.47 3.97
N THR A 119 32.07 -8.29 3.60
CA THR A 119 32.59 -8.15 2.24
C THR A 119 34.05 -8.59 2.18
N ASP A 120 34.43 -9.12 1.03
CA ASP A 120 35.78 -9.61 0.80
C ASP A 120 36.16 -9.34 -0.65
N GLN A 121 36.54 -8.10 -0.96
CA GLN A 121 36.93 -7.70 -2.31
C GLN A 121 35.86 -8.14 -3.32
N ASP A 122 34.98 -7.20 -3.67
CA ASP A 122 33.88 -7.45 -4.61
C ASP A 122 33.22 -8.82 -4.42
N HIS A 123 33.14 -9.25 -3.17
CA HIS A 123 32.53 -10.52 -2.79
C HIS A 123 31.88 -10.29 -1.44
N PHE A 124 30.72 -10.88 -1.24
CA PHE A 124 30.02 -10.70 0.01
C PHE A 124 29.58 -12.03 0.55
N LEU A 125 30.07 -12.36 1.73
CA LEU A 125 29.74 -13.60 2.37
C LEU A 125 28.53 -13.37 3.27
N LEU A 126 27.40 -13.96 2.89
CA LEU A 126 26.17 -13.82 3.66
C LEU A 126 26.16 -14.98 4.63
N THR A 127 26.11 -14.65 5.92
CA THR A 127 26.10 -15.66 6.97
C THR A 127 24.84 -15.56 7.81
N TRP A 128 24.44 -16.69 8.39
CA TRP A 128 23.25 -16.76 9.23
C TRP A 128 23.28 -18.06 10.02
N SER A 129 22.39 -18.15 11.00
CA SER A 129 22.31 -19.32 11.84
C SER A 129 20.85 -19.75 11.96
N VAL A 130 20.62 -20.90 12.57
CA VAL A 130 19.30 -21.44 12.77
C VAL A 130 19.22 -22.16 14.11
N ALA A 131 18.25 -21.77 14.94
CA ALA A 131 18.06 -22.38 16.24
C ALA A 131 17.25 -23.66 16.04
N LEU A 132 17.93 -24.80 16.03
CA LEU A 132 17.27 -26.09 15.86
C LEU A 132 16.62 -26.55 17.16
N GLY A 133 17.38 -26.50 18.24
CA GLY A 133 16.86 -26.91 19.54
C GLY A 133 17.92 -26.75 20.60
N SER A 134 17.89 -27.62 21.62
CA SER A 134 18.87 -27.59 22.69
C SER A 134 19.54 -28.96 22.82
N PRO A 135 18.92 -29.91 23.53
CA PRO A 135 19.66 -31.17 23.55
C PRO A 135 19.58 -31.77 22.14
N GLN A 136 20.71 -32.22 21.62
CA GLN A 136 20.76 -32.80 20.29
C GLN A 136 19.52 -33.61 19.90
N SER A 137 18.49 -32.90 19.44
CA SER A 137 17.22 -33.50 19.02
C SER A 137 17.43 -34.08 17.63
N HIS A 138 17.73 -35.37 17.56
CA HIS A 138 17.96 -36.06 16.30
C HIS A 138 16.80 -36.08 15.31
N TRP A 139 15.64 -35.58 15.72
CA TRP A 139 14.48 -35.56 14.84
C TRP A 139 14.87 -34.79 13.60
N LEU A 140 15.29 -33.54 13.82
CA LEU A 140 15.70 -32.66 12.72
C LEU A 140 17.18 -32.32 12.87
N SER A 141 17.99 -32.69 11.88
CA SER A 141 19.41 -32.42 11.92
C SER A 141 19.70 -31.41 10.83
N PRO A 142 20.77 -30.62 11.01
CA PRO A 142 21.13 -29.60 10.01
C PRO A 142 21.20 -30.18 8.59
N GLY A 143 21.47 -31.48 8.49
CA GLY A 143 21.56 -32.11 7.18
C GLY A 143 20.19 -32.40 6.61
N ASP A 144 19.16 -31.86 7.25
CA ASP A 144 17.78 -32.06 6.79
C ASP A 144 17.27 -30.75 6.17
N LEU A 145 17.95 -29.67 6.50
CA LEU A 145 17.58 -28.36 6.00
C LEU A 145 18.26 -27.93 4.71
N GLU A 146 17.65 -26.95 4.04
CA GLU A 146 18.14 -26.40 2.78
C GLU A 146 17.84 -24.91 2.91
N PHE A 147 18.69 -24.06 2.35
CA PHE A 147 18.44 -22.62 2.45
C PHE A 147 18.19 -21.92 1.11
N GLU A 148 17.18 -21.06 1.09
CA GLU A 148 16.84 -20.34 -0.09
C GLU A 148 16.99 -18.87 0.19
N VAL A 149 18.00 -18.25 -0.42
CA VAL A 149 18.23 -16.84 -0.20
C VAL A 149 17.79 -16.08 -1.45
N VAL A 150 17.13 -14.95 -1.24
CA VAL A 150 16.61 -14.10 -2.31
C VAL A 150 17.27 -12.74 -2.13
N TYR A 151 17.55 -12.06 -3.23
CA TYR A 151 18.19 -10.76 -3.13
C TYR A 151 17.74 -9.83 -4.25
N LYS A 152 17.80 -8.53 -4.00
CA LYS A 152 17.41 -7.54 -4.98
C LYS A 152 18.03 -6.26 -4.49
N ARG A 153 17.63 -5.15 -5.09
CA ARG A 153 18.12 -3.81 -4.74
C ARG A 153 17.02 -3.09 -3.94
N LEU A 154 17.39 -2.01 -3.28
CA LEU A 154 16.44 -1.25 -2.49
C LEU A 154 15.64 -0.38 -3.46
N GLN A 155 14.99 -1.02 -4.45
CA GLN A 155 14.20 -0.30 -5.45
C GLN A 155 13.15 -1.25 -5.98
N ASP A 156 13.62 -2.28 -6.67
CA ASP A 156 12.77 -3.29 -7.28
C ASP A 156 11.96 -4.12 -6.28
N SER A 157 10.96 -4.82 -6.79
CA SER A 157 10.09 -5.65 -5.98
C SER A 157 10.57 -7.08 -5.98
N TRP A 158 10.30 -7.76 -4.88
CA TRP A 158 10.69 -9.16 -4.70
C TRP A 158 10.11 -10.13 -5.75
N GLU A 159 9.12 -9.69 -6.52
CA GLU A 159 8.52 -10.56 -7.52
C GLU A 159 9.54 -11.03 -8.55
N ASP A 160 10.60 -10.26 -8.71
CA ASP A 160 11.65 -10.60 -9.66
C ASP A 160 12.42 -11.78 -9.09
N ALA A 161 12.21 -12.00 -7.79
CA ALA A 161 12.83 -13.07 -7.00
C ALA A 161 14.13 -13.70 -7.48
N ALA A 162 15.23 -12.97 -7.38
CA ALA A 162 16.52 -13.49 -7.81
C ALA A 162 16.95 -14.45 -6.69
N ILE A 163 16.56 -15.71 -6.81
CA ILE A 163 16.90 -16.70 -5.78
C ILE A 163 18.26 -17.38 -5.89
N LEU A 164 18.67 -17.97 -4.78
CA LEU A 164 19.93 -18.67 -4.65
C LEU A 164 19.71 -19.66 -3.51
N LEU A 165 20.43 -20.78 -3.54
CA LEU A 165 20.28 -21.79 -2.49
C LEU A 165 21.61 -22.26 -1.91
N SER A 166 21.53 -22.98 -0.81
CA SER A 166 22.73 -23.47 -0.18
C SER A 166 22.37 -24.60 0.77
N ASN A 167 23.31 -25.51 0.96
CA ASN A 167 23.13 -26.66 1.82
C ASN A 167 23.85 -26.28 3.11
N THR A 168 24.54 -25.15 3.10
CA THR A 168 25.26 -24.70 4.28
C THR A 168 24.71 -23.33 4.61
N SER A 169 24.87 -22.88 5.85
CA SER A 169 24.37 -21.58 6.25
C SER A 169 25.35 -20.52 5.78
N GLN A 170 25.47 -20.39 4.47
CA GLN A 170 26.37 -19.39 3.91
C GLN A 170 26.23 -19.32 2.38
N ALA A 171 26.35 -18.11 1.86
CA ALA A 171 26.25 -17.90 0.43
C ALA A 171 27.33 -16.92 -0.01
N THR A 172 27.82 -17.09 -1.23
CA THR A 172 28.85 -16.20 -1.76
C THR A 172 28.27 -15.34 -2.87
N LEU A 173 27.89 -14.12 -2.53
CA LEU A 173 27.32 -13.18 -3.49
C LEU A 173 28.46 -12.39 -4.10
N GLY A 174 28.52 -12.38 -5.43
CA GLY A 174 29.58 -11.67 -6.12
C GLY A 174 29.16 -10.87 -7.33
N PRO A 175 30.15 -10.33 -8.05
CA PRO A 175 30.05 -9.50 -9.25
C PRO A 175 29.15 -10.06 -10.34
N GLU A 176 29.02 -11.38 -10.37
CA GLU A 176 28.18 -12.02 -11.37
C GLU A 176 26.72 -12.08 -10.89
N HIS A 177 26.43 -11.40 -9.80
CA HIS A 177 25.08 -11.37 -9.24
C HIS A 177 24.64 -9.92 -9.11
N LEU A 178 25.34 -9.20 -8.25
CA LEU A 178 25.05 -7.80 -8.00
C LEU A 178 25.63 -6.84 -9.04
N MET A 179 25.05 -5.65 -9.15
CA MET A 179 25.55 -4.68 -10.10
C MET A 179 26.16 -3.46 -9.36
N PRO A 180 27.43 -3.12 -9.72
CA PRO A 180 28.46 -2.14 -9.37
C PRO A 180 28.26 -0.85 -8.58
N SER A 181 27.05 -0.52 -8.19
CA SER A 181 26.90 0.71 -7.42
C SER A 181 25.54 0.76 -6.78
N SER A 182 24.83 -0.36 -6.79
CA SER A 182 23.51 -0.42 -6.20
C SER A 182 23.49 -0.94 -4.78
N THR A 183 22.56 -0.45 -3.98
CA THR A 183 22.44 -0.88 -2.61
C THR A 183 21.51 -2.09 -2.68
N TYR A 184 22.01 -3.23 -2.22
CA TYR A 184 21.22 -4.44 -2.24
C TYR A 184 20.56 -4.77 -0.93
N VAL A 185 19.67 -5.75 -1.00
CA VAL A 185 18.91 -6.24 0.13
C VAL A 185 18.67 -7.72 -0.14
N ALA A 186 18.82 -8.55 0.90
CA ALA A 186 18.61 -9.99 0.77
C ALA A 186 18.06 -10.57 2.07
N ARG A 187 17.32 -11.67 1.94
CA ARG A 187 16.72 -12.35 3.07
C ARG A 187 16.86 -13.85 2.83
N VAL A 188 16.68 -14.65 3.89
CA VAL A 188 16.78 -16.10 3.78
C VAL A 188 15.61 -16.86 4.42
N ARG A 189 15.28 -18.00 3.82
CA ARG A 189 14.18 -18.85 4.29
C ARG A 189 14.74 -20.23 4.46
N THR A 190 14.20 -20.99 5.40
CA THR A 190 14.71 -22.33 5.61
C THR A 190 13.81 -23.39 4.97
N ARG A 191 14.34 -24.10 3.99
CA ARG A 191 13.60 -25.17 3.29
C ARG A 191 14.00 -26.54 3.83
N LEU A 192 13.40 -27.57 3.25
CA LEU A 192 13.65 -28.95 3.63
C LEU A 192 14.39 -29.54 2.44
N ALA A 193 15.65 -29.91 2.65
CA ALA A 193 16.44 -30.50 1.57
C ALA A 193 15.79 -31.78 1.07
N PRO A 194 16.00 -32.14 -0.21
CA PRO A 194 15.42 -33.36 -0.81
C PRO A 194 15.59 -34.58 0.11
N GLY A 195 16.79 -34.76 0.68
CA GLY A 195 16.98 -35.85 1.62
C GLY A 195 16.28 -35.20 2.81
N SER A 196 15.13 -35.73 3.18
CA SER A 196 14.41 -35.09 4.26
C SER A 196 13.64 -35.96 5.24
N ARG A 197 12.74 -35.30 5.97
CA ARG A 197 11.87 -35.92 6.96
C ARG A 197 10.64 -36.20 6.11
N LEU A 198 10.16 -35.14 5.46
CA LEU A 198 8.99 -35.21 4.60
C LEU A 198 8.57 -33.80 4.19
N SER A 199 7.39 -33.68 3.61
CA SER A 199 6.89 -32.39 3.18
C SER A 199 6.63 -31.43 4.34
N GLY A 200 6.37 -30.19 3.98
CA GLY A 200 6.10 -29.16 4.96
C GLY A 200 6.48 -27.83 4.34
N ARG A 201 5.70 -26.79 4.57
CA ARG A 201 6.05 -25.52 3.99
C ARG A 201 7.36 -25.02 4.58
N PRO A 202 8.13 -24.25 3.82
CA PRO A 202 9.39 -23.78 4.42
C PRO A 202 9.07 -22.72 5.49
N SER A 203 10.07 -22.26 6.22
CA SER A 203 9.88 -21.26 7.25
C SER A 203 9.47 -19.93 6.62
N LYS A 204 9.29 -18.92 7.44
CA LYS A 204 8.92 -17.62 6.96
C LYS A 204 10.22 -16.86 6.79
N TRP A 205 10.28 -16.00 5.79
CA TRP A 205 11.48 -15.24 5.53
C TRP A 205 11.99 -14.55 6.79
N SER A 206 13.31 -14.54 6.95
CA SER A 206 13.96 -13.91 8.10
C SER A 206 14.07 -12.41 7.84
N PRO A 207 14.51 -11.65 8.85
CA PRO A 207 14.62 -10.21 8.61
C PRO A 207 15.63 -9.99 7.49
N GLU A 208 15.40 -8.98 6.68
CA GLU A 208 16.28 -8.66 5.57
C GLU A 208 17.50 -7.87 6.01
N VAL A 209 18.60 -8.05 5.29
CA VAL A 209 19.83 -7.35 5.59
C VAL A 209 20.17 -6.48 4.38
N CYS A 210 20.58 -5.24 4.63
CA CYS A 210 20.92 -4.31 3.55
C CYS A 210 22.42 -3.98 3.51
N TRP A 211 22.96 -3.87 2.30
CA TRP A 211 24.37 -3.57 2.13
C TRP A 211 24.62 -2.97 0.75
N ASP A 212 25.64 -2.15 0.62
CA ASP A 212 25.97 -1.54 -0.66
C ASP A 212 26.94 -2.49 -1.35
N SER A 213 26.82 -2.61 -2.66
CA SER A 213 27.69 -3.50 -3.40
C SER A 213 28.99 -2.85 -3.79
N GLN A 214 29.80 -3.63 -4.48
CA GLN A 214 31.12 -3.25 -4.97
C GLN A 214 31.16 -1.83 -5.53
N PRO A 215 32.33 -1.18 -5.47
CA PRO A 215 32.48 0.19 -5.98
C PRO A 215 32.45 0.12 -7.51
N GLY A 216 32.15 1.26 -8.12
CA GLY A 216 32.10 1.30 -9.57
C GLY A 216 32.03 2.68 -10.20
N ASP A 217 31.60 2.77 -11.46
CA ASP A 217 31.49 4.06 -12.15
C ASP A 217 30.04 4.59 -12.16
N GLU A 218 29.76 5.58 -11.31
CA GLU A 218 28.43 6.17 -11.24
C GLU A 218 28.33 7.11 -12.43
N ALA A 219 27.23 7.86 -12.51
CA ALA A 219 27.08 8.78 -13.63
C ALA A 219 27.19 8.02 -14.95
N GLN A 220 26.79 6.76 -14.95
CA GLN A 220 26.83 5.92 -16.14
C GLN A 220 25.48 5.24 -16.27
N PRO A 221 25.14 4.81 -17.49
CA PRO A 221 23.85 4.14 -17.65
C PRO A 221 24.01 2.67 -17.26
N GLN A 222 22.96 2.09 -16.65
CA GLN A 222 22.98 0.69 -16.23
C GLN A 222 21.76 -0.04 -16.76
N ASN A 223 21.68 -1.33 -16.44
CA ASN A 223 20.58 -2.20 -16.83
C ASN A 223 20.09 -1.95 -18.24
N LEU A 224 20.82 -2.46 -19.23
CA LEU A 224 20.42 -2.26 -20.62
C LEU A 224 19.63 -3.48 -21.05
N GLU A 225 18.72 -3.94 -20.21
CA GLU A 225 17.90 -5.09 -20.52
C GLU A 225 17.05 -4.87 -21.77
N CYS A 226 17.22 -5.76 -22.73
CA CYS A 226 16.47 -5.65 -23.96
C CYS A 226 15.81 -6.99 -24.24
N PHE A 227 14.48 -6.97 -24.28
CA PHE A 227 13.72 -8.18 -24.52
C PHE A 227 12.88 -8.14 -25.80
N PHE A 228 13.08 -9.15 -26.63
CA PHE A 228 12.39 -9.29 -27.88
C PHE A 228 10.96 -9.76 -27.69
N ASP A 229 10.02 -8.95 -28.15
CA ASP A 229 8.59 -9.22 -28.05
C ASP A 229 8.08 -9.98 -29.26
N GLY A 230 7.44 -11.12 -29.00
CA GLY A 230 6.88 -11.94 -30.07
C GLY A 230 7.76 -12.04 -31.30
N ALA A 231 7.51 -11.16 -32.27
CA ALA A 231 8.28 -11.17 -33.50
C ALA A 231 8.16 -9.87 -34.27
N ALA A 232 8.07 -8.73 -33.58
CA ALA A 232 7.95 -7.46 -34.30
C ALA A 232 8.56 -6.29 -33.55
N VAL A 233 8.62 -6.38 -32.22
CA VAL A 233 9.19 -5.31 -31.41
C VAL A 233 10.27 -5.79 -30.44
N LEU A 234 11.15 -4.89 -30.03
CA LEU A 234 12.23 -5.20 -29.10
C LEU A 234 12.29 -4.05 -28.09
N SER A 235 11.84 -4.31 -26.86
CA SER A 235 11.84 -3.26 -25.83
C SER A 235 13.06 -3.30 -24.94
N CYS A 236 13.65 -2.13 -24.71
CA CYS A 236 14.84 -2.05 -23.87
C CYS A 236 14.58 -1.22 -22.63
N SER A 237 14.98 -1.75 -21.48
CA SER A 237 14.80 -1.07 -20.21
C SER A 237 16.08 -0.38 -19.69
N TRP A 238 16.21 0.87 -20.14
CA TRP A 238 17.29 1.83 -19.85
C TRP A 238 17.36 2.15 -18.35
N GLU A 239 18.39 2.88 -17.95
CA GLU A 239 18.54 3.25 -16.55
C GLU A 239 19.73 4.18 -16.41
N VAL A 240 19.45 5.42 -16.03
CA VAL A 240 20.48 6.45 -15.86
C VAL A 240 20.30 7.27 -14.58
N ARG A 241 21.38 7.89 -14.13
CA ARG A 241 21.39 8.70 -12.93
C ARG A 241 20.57 9.96 -13.14
N LYS A 242 19.62 10.19 -12.23
CA LYS A 242 18.74 11.37 -12.29
C LYS A 242 19.48 12.71 -12.15
N GLU A 243 20.81 12.70 -12.29
CA GLU A 243 21.59 13.92 -12.18
C GLU A 243 22.35 14.10 -13.48
N VAL A 244 22.79 12.98 -14.03
CA VAL A 244 23.53 12.98 -15.27
C VAL A 244 22.56 13.36 -16.40
N ALA A 245 21.35 12.81 -16.32
CA ALA A 245 20.33 13.09 -17.33
C ALA A 245 20.02 14.57 -17.46
N SER A 246 20.43 15.36 -16.49
CA SER A 246 20.17 16.81 -16.54
C SER A 246 21.35 17.58 -17.12
N SER A 247 22.31 16.87 -17.71
CA SER A 247 23.47 17.50 -18.30
C SER A 247 23.89 16.73 -19.51
N VAL A 248 23.60 15.43 -19.47
CA VAL A 248 23.93 14.54 -20.59
C VAL A 248 22.68 13.80 -21.03
N SER A 249 22.19 14.15 -22.22
CA SER A 249 21.00 13.51 -22.77
C SER A 249 21.45 12.31 -23.57
N PHE A 250 20.94 11.13 -23.20
CA PHE A 250 21.31 9.90 -23.90
C PHE A 250 20.23 9.42 -24.86
N GLY A 251 20.64 8.54 -25.76
CA GLY A 251 19.72 7.97 -26.72
C GLY A 251 20.06 6.50 -26.87
N LEU A 252 19.15 5.75 -27.47
CA LEU A 252 19.36 4.33 -27.69
C LEU A 252 19.58 4.07 -29.17
N PHE A 253 20.77 3.60 -29.50
CA PHE A 253 21.14 3.29 -30.88
C PHE A 253 21.16 1.79 -31.09
N TYR A 254 20.97 1.35 -32.33
CA TYR A 254 20.98 -0.08 -32.61
C TYR A 254 21.36 -0.43 -34.04
N LYS A 255 22.26 -1.40 -34.17
CA LYS A 255 22.72 -1.82 -35.49
C LYS A 255 22.81 -3.35 -35.55
N PRO A 256 22.11 -3.96 -36.53
CA PRO A 256 22.15 -5.43 -36.67
C PRO A 256 23.33 -5.87 -37.58
N SER A 257 24.53 -5.82 -37.03
CA SER A 257 25.74 -6.20 -37.76
C SER A 257 25.68 -7.66 -38.23
N PRO A 258 26.35 -7.96 -39.33
CA PRO A 258 26.39 -9.30 -39.90
C PRO A 258 25.03 -9.76 -40.37
N ARG A 267 24.13 3.60 -39.94
CA ARG A 267 23.19 2.64 -39.37
C ARG A 267 22.13 3.31 -38.50
N GLU A 268 20.92 2.74 -38.47
CA GLU A 268 19.83 3.29 -37.66
C GLU A 268 20.35 3.48 -36.25
N GLU A 269 19.79 4.43 -35.52
CA GLU A 269 20.27 4.64 -34.16
C GLU A 269 19.33 5.32 -33.18
N GLU A 270 18.05 5.42 -33.51
CA GLU A 270 17.12 6.07 -32.60
C GLU A 270 15.72 5.49 -32.76
N CYS A 271 14.90 5.70 -31.74
CA CYS A 271 13.52 5.22 -31.74
C CYS A 271 12.59 6.43 -31.74
N SER A 272 11.41 6.27 -32.31
CA SER A 272 10.45 7.36 -32.36
C SER A 272 10.10 7.75 -30.93
N PRO A 273 9.93 6.76 -30.04
CA PRO A 273 9.60 7.20 -28.68
C PRO A 273 10.60 6.71 -27.60
N VAL A 274 10.93 7.60 -26.68
CA VAL A 274 11.85 7.30 -25.58
C VAL A 274 11.17 7.80 -24.33
N LEU A 275 10.17 7.05 -23.87
CA LEU A 275 9.41 7.42 -22.68
C LEU A 275 10.21 7.28 -21.37
N ARG A 276 10.17 8.33 -20.57
CA ARG A 276 10.88 8.36 -19.29
C ARG A 276 9.96 7.93 -18.16
N GLU A 277 10.48 7.10 -17.28
CA GLU A 277 9.71 6.60 -16.14
C GLU A 277 10.58 6.77 -14.91
N GLY A 278 10.16 7.64 -14.00
CA GLY A 278 10.94 7.89 -12.79
C GLY A 278 10.99 6.67 -11.89
N LEU A 279 12.19 6.36 -11.41
CA LEU A 279 12.39 5.23 -10.51
C LEU A 279 12.56 5.77 -9.09
N GLY A 280 13.49 5.18 -8.34
CA GLY A 280 13.72 5.63 -6.97
C GLY A 280 14.52 6.92 -6.84
N SER A 281 13.97 8.00 -7.38
CA SER A 281 14.60 9.32 -7.35
C SER A 281 16.01 9.34 -7.90
N LEU A 282 16.93 8.69 -7.20
CA LEU A 282 18.33 8.61 -7.56
C LEU A 282 18.54 8.10 -8.98
N HIS A 283 17.52 7.46 -9.54
CA HIS A 283 17.60 6.92 -10.91
C HIS A 283 16.36 7.19 -11.75
N THR A 284 16.54 7.24 -13.06
CA THR A 284 15.44 7.48 -13.99
C THR A 284 15.62 6.56 -15.19
N ARG A 285 14.75 5.55 -15.28
CA ARG A 285 14.80 4.58 -16.38
C ARG A 285 14.07 5.10 -17.61
N HIS A 286 14.51 4.66 -18.77
CA HIS A 286 13.92 5.06 -20.03
C HIS A 286 13.52 3.79 -20.79
N HIS A 287 12.71 3.98 -21.82
CA HIS A 287 12.25 2.88 -22.65
C HIS A 287 12.22 3.32 -24.11
N CYS A 288 12.33 2.34 -24.99
CA CYS A 288 12.31 2.58 -26.43
C CYS A 288 11.86 1.30 -27.10
N GLN A 289 11.10 1.42 -28.17
CA GLN A 289 10.63 0.25 -28.87
C GLN A 289 11.28 0.21 -30.25
N ILE A 290 12.30 -0.64 -30.36
CA ILE A 290 13.04 -0.83 -31.60
C ILE A 290 12.24 -1.78 -32.48
N PRO A 291 12.00 -1.39 -33.75
CA PRO A 291 11.24 -2.21 -34.69
C PRO A 291 12.14 -3.27 -35.29
N VAL A 292 11.60 -4.47 -35.51
CA VAL A 292 12.38 -5.55 -36.08
C VAL A 292 11.49 -6.41 -36.96
N PRO A 293 11.52 -6.15 -38.29
CA PRO A 293 10.76 -6.83 -39.34
C PRO A 293 11.36 -8.15 -39.81
N ASP A 294 12.68 -8.28 -39.73
CA ASP A 294 13.35 -9.51 -40.14
C ASP A 294 14.12 -10.16 -38.99
N PRO A 295 13.42 -10.84 -38.08
CA PRO A 295 14.03 -11.50 -36.92
C PRO A 295 14.95 -12.66 -37.33
N ALA A 296 14.54 -13.41 -38.35
CA ALA A 296 15.33 -14.53 -38.83
C ALA A 296 16.60 -14.04 -39.56
N THR A 297 16.40 -13.09 -40.48
CA THR A 297 17.50 -12.53 -41.26
C THR A 297 18.50 -11.78 -40.36
N HIS A 298 17.97 -11.10 -39.35
CA HIS A 298 18.81 -10.35 -38.43
C HIS A 298 18.43 -10.70 -36.99
N GLY A 299 19.15 -11.68 -36.44
CA GLY A 299 18.88 -12.12 -35.08
C GLY A 299 19.92 -11.52 -34.15
N GLN A 300 20.76 -10.64 -34.70
CA GLN A 300 21.80 -9.97 -33.93
C GLN A 300 21.67 -8.45 -33.96
N TYR A 301 21.33 -7.86 -32.81
CA TYR A 301 21.19 -6.40 -32.73
C TYR A 301 22.07 -5.89 -31.59
N ILE A 302 23.16 -5.22 -31.92
CA ILE A 302 24.01 -4.71 -30.86
C ILE A 302 23.54 -3.32 -30.50
N VAL A 303 22.81 -3.22 -29.38
CA VAL A 303 22.29 -1.94 -28.94
C VAL A 303 23.35 -1.18 -28.15
N SER A 304 23.19 0.12 -28.13
CA SER A 304 24.11 0.97 -27.43
C SER A 304 23.35 2.16 -26.85
N VAL A 305 23.90 2.78 -25.81
CA VAL A 305 23.28 3.93 -25.20
C VAL A 305 24.39 4.92 -24.98
N GLN A 306 24.40 5.98 -25.78
CA GLN A 306 25.44 7.00 -25.65
C GLN A 306 24.86 8.39 -25.82
N PRO A 307 25.69 9.42 -25.63
CA PRO A 307 25.20 10.79 -25.75
C PRO A 307 24.53 11.05 -27.09
N ARG A 308 23.29 11.52 -27.01
CA ARG A 308 22.47 11.83 -28.16
C ARG A 308 22.78 13.23 -28.69
N ARG A 309 22.39 13.49 -29.93
CA ARG A 309 22.62 14.78 -30.58
C ARG A 309 21.50 15.76 -30.30
N ALA A 310 21.49 16.32 -29.10
CA ALA A 310 20.47 17.28 -28.69
C ALA A 310 21.06 18.67 -28.91
N GLU A 311 20.47 19.44 -29.82
CA GLU A 311 20.98 20.78 -30.10
C GLU A 311 19.90 21.87 -30.03
N LYS A 312 20.30 23.08 -29.65
CA LYS A 312 19.36 24.19 -29.55
C LYS A 312 19.71 25.07 -30.73
N HIS A 313 18.70 25.38 -31.54
CA HIS A 313 18.94 26.22 -32.70
C HIS A 313 18.71 27.67 -32.33
N ILE A 314 19.72 28.49 -32.58
CA ILE A 314 19.64 29.92 -32.30
C ILE A 314 19.79 30.68 -33.61
N LYS A 315 18.73 31.38 -34.03
CA LYS A 315 18.74 32.15 -35.27
C LYS A 315 19.27 33.55 -35.02
N SER A 316 20.48 33.80 -35.52
CA SER A 316 21.17 35.07 -35.38
C SER A 316 20.28 36.32 -35.44
N SER A 317 19.56 36.48 -36.55
CA SER A 317 18.67 37.62 -36.75
C SER A 317 17.49 37.70 -35.80
N VAL A 318 17.34 36.70 -34.94
CA VAL A 318 16.23 36.72 -34.00
C VAL A 318 16.75 36.89 -32.59
N ASN A 319 18.02 36.57 -32.37
CA ASN A 319 18.63 36.69 -31.05
C ASN A 319 19.66 37.81 -31.02
N ILE A 320 19.25 39.00 -31.43
CA ILE A 320 20.16 40.14 -31.46
C ILE A 320 20.10 40.96 -30.18
N GLN A 321 21.23 41.56 -29.86
CA GLN A 321 21.36 42.40 -28.67
C GLN A 321 22.46 43.37 -29.05
N MET A 322 22.10 44.64 -29.20
CA MET A 322 23.06 45.68 -29.57
C MET A 322 23.90 46.12 -28.40
N ALA A 323 24.91 46.91 -28.67
CA ALA A 323 25.77 47.38 -27.60
C ALA A 323 25.29 48.71 -27.07
N PRO A 324 25.49 48.96 -25.78
CA PRO A 324 25.07 50.23 -25.15
C PRO A 324 25.78 51.42 -25.79
N PRO A 325 25.00 52.41 -26.28
CA PRO A 325 25.57 53.61 -26.92
C PRO A 325 26.07 54.63 -25.89
N SER A 326 26.83 55.63 -26.36
CA SER A 326 27.38 56.70 -25.53
C SER A 326 26.37 57.85 -25.53
N LEU A 327 26.57 58.83 -24.65
CA LEU A 327 25.62 59.95 -24.61
C LEU A 327 26.12 61.38 -24.75
N GLN A 328 27.21 61.70 -24.06
CA GLN A 328 27.79 63.06 -24.13
C GLN A 328 26.75 64.15 -24.44
N VAL A 329 26.26 64.81 -23.40
CA VAL A 329 25.25 65.87 -23.53
C VAL A 329 25.78 67.20 -24.08
N THR A 330 24.95 67.84 -24.88
CA THR A 330 25.27 69.14 -25.49
C THR A 330 24.36 70.20 -24.89
N LYS A 331 24.93 71.36 -24.56
CA LYS A 331 24.12 72.44 -23.98
C LYS A 331 24.38 73.78 -24.64
N ASP A 332 23.56 74.13 -25.63
CA ASP A 332 23.71 75.39 -26.35
C ASP A 332 22.40 76.19 -26.21
N GLY A 333 22.51 77.42 -25.73
CA GLY A 333 21.32 78.24 -25.54
C GLY A 333 20.53 77.70 -24.36
N ASP A 334 19.82 76.60 -24.61
CA ASP A 334 19.02 75.95 -23.58
C ASP A 334 19.35 74.47 -23.60
N SER A 335 20.04 73.99 -22.57
CA SER A 335 20.43 72.58 -22.47
C SER A 335 19.22 71.68 -22.69
N TYR A 336 19.39 70.65 -23.52
CA TYR A 336 18.30 69.73 -23.80
C TYR A 336 18.74 68.44 -24.47
N SER A 337 19.49 68.59 -25.56
CA SER A 337 20.01 67.47 -26.34
C SER A 337 20.70 66.34 -25.59
N LEU A 338 20.99 65.29 -26.34
CA LEU A 338 21.68 64.10 -25.83
C LEU A 338 22.27 63.42 -27.07
N ARG A 339 23.54 63.05 -27.00
CA ARG A 339 24.18 62.41 -28.14
C ARG A 339 23.98 60.89 -28.21
N TRP A 340 23.83 60.39 -29.43
CA TRP A 340 23.63 58.96 -29.71
C TRP A 340 24.87 58.38 -30.35
N GLU A 341 25.60 57.52 -29.62
CA GLU A 341 26.81 56.91 -30.18
C GLU A 341 26.39 55.61 -30.87
N THR A 342 26.01 55.72 -32.15
CA THR A 342 25.57 54.57 -32.94
C THR A 342 26.77 53.71 -33.32
N MET A 343 26.81 52.48 -32.81
CA MET A 343 27.92 51.61 -33.13
C MET A 343 27.76 51.25 -34.59
N LYS A 344 28.39 52.04 -35.45
CA LYS A 344 28.34 51.87 -36.89
C LYS A 344 28.55 50.43 -37.34
N MET A 345 27.47 49.73 -37.60
CA MET A 345 27.55 48.34 -38.06
C MET A 345 28.02 48.49 -39.51
N ARG A 346 29.00 47.70 -39.93
CA ARG A 346 29.47 47.83 -41.30
C ARG A 346 28.33 47.86 -42.31
N TYR A 347 28.10 49.06 -42.86
CA TYR A 347 27.08 49.39 -43.85
C TYR A 347 25.87 48.49 -43.80
N GLU A 348 25.43 48.17 -42.60
CA GLU A 348 24.28 47.31 -42.40
C GLU A 348 23.09 48.25 -42.16
N HIS A 349 22.07 48.16 -43.02
CA HIS A 349 20.89 49.02 -42.87
C HIS A 349 19.82 48.31 -42.05
N ILE A 350 19.72 48.69 -40.78
CA ILE A 350 18.74 48.10 -39.88
C ILE A 350 18.18 49.25 -39.05
N ASP A 351 16.89 49.22 -38.78
CA ASP A 351 16.25 50.28 -38.00
C ASP A 351 16.49 50.05 -36.52
N HIS A 352 16.59 51.15 -35.78
CA HIS A 352 16.83 51.08 -34.35
C HIS A 352 15.87 51.97 -33.56
N THR A 353 15.41 51.47 -32.41
CA THR A 353 14.52 52.24 -31.56
C THR A 353 15.34 52.45 -30.32
N PHE A 354 15.23 53.63 -29.75
CA PHE A 354 15.99 53.93 -28.55
C PHE A 354 15.11 54.31 -27.37
N GLU A 355 15.70 54.24 -26.19
CA GLU A 355 14.98 54.57 -24.98
C GLU A 355 15.86 55.46 -24.14
N ILE A 356 15.53 56.74 -24.10
CA ILE A 356 16.29 57.72 -23.33
C ILE A 356 15.60 57.90 -21.98
N GLN A 357 16.38 58.12 -20.92
CA GLN A 357 15.80 58.31 -19.59
C GLN A 357 16.26 59.55 -18.83
N TYR A 358 15.28 60.22 -18.23
CA TYR A 358 15.49 61.44 -17.44
C TYR A 358 15.86 61.00 -16.03
N ARG A 359 16.15 61.97 -15.18
CA ARG A 359 16.52 61.69 -13.78
C ARG A 359 16.97 62.96 -13.06
N LYS A 360 17.62 62.76 -11.92
CA LYS A 360 18.12 63.82 -11.08
C LYS A 360 18.91 63.12 -9.97
N ASP A 361 19.90 63.80 -9.40
CA ASP A 361 20.68 63.18 -8.34
C ASP A 361 19.79 62.99 -7.12
N THR A 362 18.59 63.56 -7.17
CA THR A 362 17.63 63.48 -6.07
C THR A 362 16.51 62.46 -6.31
N ALA A 363 16.64 61.67 -7.37
CA ALA A 363 15.61 60.68 -7.67
C ALA A 363 16.18 59.40 -8.26
N THR A 364 15.38 58.34 -8.21
CA THR A 364 15.78 57.03 -8.74
C THR A 364 15.18 56.78 -10.12
N TRP A 365 15.87 55.95 -10.90
CA TRP A 365 15.46 55.60 -12.26
C TRP A 365 14.01 55.12 -12.44
N LYS A 366 13.38 54.71 -11.34
CA LYS A 366 12.01 54.22 -11.40
C LYS A 366 11.03 55.36 -11.62
N ASP A 367 11.52 56.61 -11.55
CA ASP A 367 10.67 57.78 -11.75
C ASP A 367 11.25 58.65 -12.86
N SER A 368 11.70 58.03 -13.93
CA SER A 368 12.28 58.77 -15.05
C SER A 368 11.33 58.87 -16.23
N LYS A 369 11.66 59.75 -17.18
CA LYS A 369 10.84 59.96 -18.36
C LYS A 369 11.53 59.16 -19.46
N THR A 370 10.79 58.27 -20.13
CA THR A 370 11.38 57.48 -21.20
C THR A 370 10.80 57.77 -22.58
N GLU A 371 11.39 58.73 -23.29
CA GLU A 371 10.93 59.08 -24.63
C GLU A 371 11.54 58.05 -25.57
N THR A 372 10.69 57.24 -26.18
CA THR A 372 11.14 56.20 -27.09
C THR A 372 10.79 56.62 -28.51
N LEU A 373 11.81 56.71 -29.35
CA LEU A 373 11.63 57.10 -30.74
C LEU A 373 12.48 56.30 -31.74
N GLN A 374 12.27 56.54 -33.03
CA GLN A 374 13.03 55.83 -34.06
C GLN A 374 14.05 56.68 -34.80
N ASN A 375 15.22 56.11 -35.02
CA ASN A 375 16.36 56.73 -35.71
C ASN A 375 16.72 58.15 -35.29
N ALA A 376 16.45 58.48 -34.03
CA ALA A 376 16.75 59.80 -33.49
C ALA A 376 18.19 59.83 -32.98
N HIS A 377 18.74 61.04 -32.78
CA HIS A 377 20.11 61.18 -32.29
C HIS A 377 20.19 62.28 -31.22
N SER A 378 19.01 62.68 -30.75
CA SER A 378 18.86 63.72 -29.71
C SER A 378 17.39 63.99 -29.43
N MET A 379 17.12 64.80 -28.42
CA MET A 379 15.76 65.14 -28.05
C MET A 379 15.76 66.54 -27.43
N ALA A 380 14.59 66.98 -26.96
CA ALA A 380 14.44 68.30 -26.35
C ALA A 380 14.09 68.18 -24.86
N LEU A 381 14.35 69.27 -24.13
CA LEU A 381 14.07 69.29 -22.72
C LEU A 381 14.23 70.68 -22.11
N PRO A 382 13.46 70.94 -21.02
CA PRO A 382 13.43 72.18 -20.25
C PRO A 382 13.87 71.88 -18.79
N ALA A 383 15.17 72.00 -18.50
CA ALA A 383 15.72 71.73 -17.17
C ALA A 383 15.25 72.75 -16.13
N LEU A 384 16.08 72.99 -15.12
CA LEU A 384 15.74 73.94 -14.06
C LEU A 384 16.97 74.67 -13.51
N GLU A 385 17.08 74.74 -12.19
CA GLU A 385 18.21 75.41 -11.55
C GLU A 385 19.31 74.43 -11.17
N PRO A 386 19.20 73.19 -11.64
CA PRO A 386 20.20 72.17 -11.35
C PRO A 386 21.15 71.97 -12.54
N SER A 387 22.43 71.74 -12.25
CA SER A 387 23.42 71.53 -13.30
C SER A 387 24.40 70.42 -12.90
N THR A 388 23.88 69.42 -12.20
CA THR A 388 24.67 68.28 -11.73
C THR A 388 23.69 67.14 -11.57
N ARG A 389 22.64 67.16 -12.40
CA ARG A 389 21.61 66.14 -12.35
C ARG A 389 21.87 65.01 -13.35
N TYR A 390 21.70 63.79 -12.85
CA TYR A 390 21.88 62.58 -13.64
C TYR A 390 20.69 62.44 -14.57
N TRP A 391 20.93 61.97 -15.78
CA TRP A 391 19.85 61.79 -16.76
C TRP A 391 20.46 61.35 -18.07
N ALA A 392 21.11 60.20 -18.06
CA ALA A 392 21.73 59.67 -19.27
C ALA A 392 21.65 58.15 -19.22
N ARG A 393 20.67 57.61 -19.92
CA ARG A 393 20.44 56.17 -20.00
C ARG A 393 19.83 55.95 -21.37
N VAL A 394 20.44 55.10 -22.19
CA VAL A 394 19.92 54.84 -23.52
C VAL A 394 19.97 53.38 -23.93
N ARG A 395 18.84 52.87 -24.40
CA ARG A 395 18.73 51.49 -24.84
C ARG A 395 18.50 51.51 -26.34
N VAL A 396 18.90 50.44 -27.01
CA VAL A 396 18.72 50.36 -28.44
C VAL A 396 18.03 49.04 -28.72
N ARG A 397 17.21 49.02 -29.75
CA ARG A 397 16.48 47.80 -30.09
C ARG A 397 16.28 47.74 -31.61
N THR A 398 16.00 46.55 -32.13
CA THR A 398 15.80 46.39 -33.55
C THR A 398 14.32 46.56 -33.86
N SER A 399 13.96 47.73 -34.37
CA SER A 399 12.59 48.05 -34.72
C SER A 399 12.38 47.91 -36.24
N ARG A 400 12.94 46.87 -36.81
CA ARG A 400 12.84 46.61 -38.24
C ARG A 400 12.23 45.23 -38.42
N THR A 401 12.12 44.79 -39.66
CA THR A 401 11.55 43.48 -39.90
C THR A 401 12.63 42.41 -39.66
N GLY A 402 13.78 42.84 -39.15
CA GLY A 402 14.84 41.91 -38.79
C GLY A 402 14.25 41.57 -37.44
N TYR A 403 13.07 41.00 -37.55
CA TYR A 403 12.20 40.64 -36.45
C TYR A 403 12.54 40.81 -34.97
N ASN A 404 13.56 40.18 -34.42
CA ASN A 404 13.74 40.44 -32.99
C ASN A 404 15.10 40.31 -32.37
N GLY A 405 15.12 40.64 -31.07
CA GLY A 405 16.31 40.61 -30.26
C GLY A 405 15.95 41.01 -28.85
N ILE A 406 16.89 41.62 -28.17
CA ILE A 406 16.65 42.05 -26.81
C ILE A 406 17.18 43.47 -26.53
N TRP A 407 16.57 44.17 -25.56
CA TRP A 407 17.00 45.52 -25.21
C TRP A 407 18.50 45.47 -24.91
N SER A 408 19.26 46.42 -25.44
CA SER A 408 20.70 46.48 -25.22
C SER A 408 20.96 46.99 -23.79
N GLU A 409 22.17 46.77 -23.28
CA GLU A 409 22.48 47.23 -21.94
C GLU A 409 22.42 48.75 -21.93
N TRP A 410 22.37 49.34 -20.74
CA TRP A 410 22.31 50.79 -20.64
C TRP A 410 23.66 51.46 -20.94
N SER A 411 23.59 52.76 -21.20
CA SER A 411 24.75 53.58 -21.49
C SER A 411 25.32 54.09 -20.17
N GLU A 412 25.81 55.31 -20.16
CA GLU A 412 26.36 55.86 -18.93
C GLU A 412 25.85 57.26 -18.62
N ALA A 413 25.43 57.48 -17.37
CA ALA A 413 24.90 58.77 -16.92
C ALA A 413 25.92 59.89 -16.90
N ARG A 414 25.92 60.70 -17.97
CA ARG A 414 26.82 61.82 -18.11
C ARG A 414 26.26 62.96 -17.25
N SER A 415 26.68 62.97 -15.99
CA SER A 415 26.25 63.99 -15.02
C SER A 415 26.49 65.40 -15.57
N TRP A 416 25.44 66.08 -16.04
CA TRP A 416 25.61 67.43 -16.58
C TRP A 416 25.08 68.49 -15.62
N GLU B 1 14.12 22.05 -23.31
CA GLU B 1 14.72 20.74 -23.64
C GLU B 1 15.47 20.16 -22.44
N GLU B 2 14.73 19.44 -21.60
CA GLU B 2 15.23 18.81 -20.37
C GLU B 2 16.61 19.18 -19.86
N THR B 3 17.66 18.62 -20.45
CA THR B 3 19.02 18.93 -20.00
C THR B 3 19.19 20.40 -19.63
N ILE B 4 19.44 20.64 -18.34
CA ILE B 4 19.64 21.99 -17.82
C ILE B 4 20.45 22.95 -18.70
N PRO B 5 21.70 22.60 -19.05
CA PRO B 5 22.43 23.56 -19.89
C PRO B 5 21.67 23.92 -21.17
N LEU B 6 20.98 22.94 -21.76
CA LEU B 6 20.22 23.18 -23.00
C LEU B 6 19.01 24.05 -22.68
N GLN B 7 18.31 23.64 -21.64
CA GLN B 7 17.12 24.30 -21.17
C GLN B 7 17.36 25.79 -20.99
N THR B 8 18.39 26.11 -20.23
CA THR B 8 18.72 27.50 -19.99
C THR B 8 19.96 27.88 -20.80
N LEU B 9 19.76 28.18 -22.07
CA LEU B 9 20.85 28.57 -22.95
C LEU B 9 20.31 29.55 -23.97
N ARG B 10 20.80 30.77 -23.92
CA ARG B 10 20.37 31.83 -24.84
C ARG B 10 21.64 32.38 -25.46
N CYS B 11 21.64 32.53 -26.79
CA CYS B 11 22.82 33.06 -27.46
C CYS B 11 22.44 34.33 -28.23
N TYR B 12 22.85 35.48 -27.70
CA TYR B 12 22.54 36.74 -28.35
C TYR B 12 23.76 37.30 -29.06
N ASN B 13 23.54 37.76 -30.28
CA ASN B 13 24.61 38.32 -31.09
C ASN B 13 24.22 39.68 -31.68
N ASP B 14 25.17 40.27 -32.38
CA ASP B 14 25.00 41.56 -33.04
C ASP B 14 25.53 41.36 -34.44
N TYR B 15 24.79 41.87 -35.40
CA TYR B 15 25.17 41.76 -36.80
C TYR B 15 26.49 42.49 -37.03
N THR B 16 27.57 41.98 -36.44
CA THR B 16 28.89 42.58 -36.58
C THR B 16 29.96 41.49 -36.45
N SER B 17 30.30 41.15 -35.21
CA SER B 17 31.31 40.13 -34.94
C SER B 17 31.41 39.92 -33.44
N HIS B 18 30.30 39.53 -32.82
CA HIS B 18 30.29 39.30 -31.38
C HIS B 18 29.02 38.55 -31.00
N ILE B 19 29.17 37.27 -30.70
CA ILE B 19 28.01 36.47 -30.31
C ILE B 19 28.28 35.83 -28.93
N THR B 20 27.45 36.21 -27.98
CA THR B 20 27.56 35.70 -26.60
C THR B 20 26.47 34.71 -26.26
N CYS B 21 26.88 33.62 -25.63
CA CYS B 21 25.95 32.58 -25.23
C CYS B 21 26.00 32.51 -23.71
N ARG B 22 24.87 32.23 -23.09
CA ARG B 22 24.83 32.12 -21.65
C ARG B 22 23.97 30.93 -21.29
N TRP B 23 24.59 30.00 -20.58
CA TRP B 23 23.92 28.80 -20.13
C TRP B 23 24.48 28.48 -18.77
N ALA B 24 23.95 27.46 -18.12
CA ALA B 24 24.42 27.08 -16.81
C ALA B 24 24.45 25.57 -16.64
N ASP B 25 25.00 25.13 -15.53
CA ASP B 25 25.12 23.72 -15.23
C ASP B 25 24.79 23.57 -13.76
N THR B 26 24.37 22.37 -13.37
CA THR B 26 24.03 22.12 -11.98
C THR B 26 25.31 21.71 -11.23
N GLN B 27 25.56 22.37 -10.11
CA GLN B 27 26.73 22.10 -9.28
C GLN B 27 26.86 20.63 -8.84
N ASP B 28 25.73 19.93 -8.76
CA ASP B 28 25.70 18.51 -8.36
C ASP B 28 26.26 17.63 -9.47
N ALA B 29 25.72 17.76 -10.67
CA ALA B 29 26.21 16.96 -11.78
C ALA B 29 27.71 17.20 -11.99
N GLN B 30 28.19 18.37 -11.60
CA GLN B 30 29.59 18.70 -11.78
C GLN B 30 30.60 17.70 -11.24
N ARG B 31 30.32 17.14 -10.07
CA ARG B 31 31.23 16.17 -9.49
C ARG B 31 31.14 14.78 -10.12
N LEU B 32 30.37 14.65 -11.20
CA LEU B 32 30.21 13.37 -11.89
C LEU B 32 30.57 13.59 -13.35
N VAL B 33 29.98 14.63 -13.96
CA VAL B 33 30.23 14.96 -15.36
C VAL B 33 30.32 16.45 -15.58
N ASN B 34 31.13 16.85 -16.54
CA ASN B 34 31.30 18.25 -16.86
C ASN B 34 31.08 18.33 -18.35
N VAL B 35 30.43 19.40 -18.78
CA VAL B 35 30.16 19.55 -20.19
C VAL B 35 30.72 20.83 -20.78
N THR B 36 31.03 20.78 -22.08
CA THR B 36 31.59 21.91 -22.81
C THR B 36 30.63 22.28 -23.92
N LEU B 37 30.38 23.57 -24.10
CA LEU B 37 29.46 24.05 -25.14
C LEU B 37 30.09 23.84 -26.52
N ILE B 38 29.25 23.50 -27.50
CA ILE B 38 29.73 23.27 -28.85
C ILE B 38 28.85 23.91 -29.91
N ARG B 39 29.48 24.48 -30.92
CA ARG B 39 28.73 25.11 -32.01
C ARG B 39 28.87 24.30 -33.28
N ARG B 40 27.78 24.23 -34.03
CA ARG B 40 27.74 23.48 -35.28
C ARG B 40 28.09 24.44 -36.41
N VAL B 41 29.25 24.25 -37.02
CA VAL B 41 29.71 25.10 -38.11
C VAL B 41 28.96 24.79 -39.41
N ASN B 42 29.05 23.56 -39.88
CA ASN B 42 28.36 23.17 -41.11
C ASN B 42 27.95 21.70 -41.04
N GLU B 43 28.81 20.88 -40.45
CA GLU B 43 28.53 19.46 -40.33
C GLU B 43 29.54 18.85 -39.35
N ASP B 44 30.55 18.18 -39.87
CA ASP B 44 31.55 17.57 -38.99
C ASP B 44 32.48 18.61 -38.35
N LEU B 45 32.16 19.88 -38.53
CA LEU B 45 32.97 20.94 -37.95
C LEU B 45 32.36 21.35 -36.61
N LEU B 46 32.40 20.45 -35.64
CA LEU B 46 31.85 20.71 -34.31
C LEU B 46 32.90 21.51 -33.55
N GLU B 47 32.96 22.80 -33.84
CA GLU B 47 33.93 23.69 -33.20
C GLU B 47 33.46 24.02 -31.80
N PRO B 48 34.29 23.71 -30.79
CA PRO B 48 33.96 23.99 -29.38
C PRO B 48 33.85 25.49 -29.08
N VAL B 49 33.16 25.79 -27.98
CA VAL B 49 32.97 27.16 -27.55
C VAL B 49 33.64 27.35 -26.21
N SER B 50 34.33 28.48 -26.06
CA SER B 50 35.04 28.80 -24.84
C SER B 50 34.05 29.43 -23.87
N CYS B 51 34.08 29.00 -22.61
CA CYS B 51 33.16 29.54 -21.63
C CYS B 51 33.86 29.81 -20.30
N ASP B 52 33.57 30.95 -19.71
CA ASP B 52 34.16 31.32 -18.43
C ASP B 52 33.01 31.47 -17.46
N LEU B 53 33.28 31.24 -16.18
CA LEU B 53 32.26 31.34 -15.17
C LEU B 53 31.60 32.70 -15.06
N SER B 54 30.35 32.69 -14.62
CA SER B 54 29.57 33.90 -14.44
C SER B 54 28.77 33.70 -13.15
N ASP B 55 28.23 34.78 -12.61
CA ASP B 55 27.46 34.65 -11.38
C ASP B 55 26.03 35.01 -11.69
N ASP B 56 25.85 35.88 -12.67
CA ASP B 56 24.50 36.30 -13.05
C ASP B 56 23.89 35.48 -14.20
N MET B 57 22.57 35.34 -14.14
CA MET B 57 21.81 34.60 -15.14
C MET B 57 20.69 35.52 -15.56
N PRO B 58 20.93 36.38 -16.56
CA PRO B 58 19.81 37.27 -16.94
C PRO B 58 18.89 36.71 -18.07
N TRP B 59 19.51 36.41 -19.20
CA TRP B 59 18.78 35.89 -20.36
C TRP B 59 17.81 34.74 -20.05
N SER B 60 18.12 33.90 -19.07
CA SER B 60 17.24 32.78 -18.70
C SER B 60 17.41 32.44 -17.22
N ALA B 61 16.42 31.73 -16.68
CA ALA B 61 16.46 31.35 -15.28
C ALA B 61 16.93 29.91 -15.15
N CYS B 62 17.39 29.56 -13.95
CA CYS B 62 17.87 28.21 -13.68
C CYS B 62 16.92 27.57 -12.65
N PRO B 63 16.24 26.47 -13.01
CA PRO B 63 15.30 25.76 -12.14
C PRO B 63 15.99 24.85 -11.11
N HIS B 64 17.29 25.04 -10.92
CA HIS B 64 18.04 24.23 -9.96
C HIS B 64 18.18 24.97 -8.63
N PRO B 65 18.74 24.29 -7.61
CA PRO B 65 18.92 24.95 -6.30
C PRO B 65 20.28 25.66 -6.24
N ARG B 66 21.27 25.05 -6.90
CA ARG B 66 22.62 25.60 -6.95
C ARG B 66 23.16 25.41 -8.35
N CYS B 67 23.13 26.49 -9.14
CA CYS B 67 23.60 26.48 -10.52
C CYS B 67 24.99 27.06 -10.66
N VAL B 68 25.60 26.78 -11.80
CA VAL B 68 26.94 27.25 -12.12
C VAL B 68 26.85 27.99 -13.45
N PRO B 69 26.28 29.22 -13.42
CA PRO B 69 26.12 30.02 -14.63
C PRO B 69 27.45 30.27 -15.32
N ARG B 70 27.40 30.29 -16.65
CA ARG B 70 28.59 30.52 -17.46
C ARG B 70 28.32 31.50 -18.61
N ARG B 71 29.35 32.23 -18.99
CA ARG B 71 29.23 33.18 -20.06
C ARG B 71 30.22 32.78 -21.14
N CYS B 72 29.75 32.61 -22.36
CA CYS B 72 30.65 32.20 -23.45
C CYS B 72 30.62 33.21 -24.59
N VAL B 73 31.81 33.52 -25.09
CA VAL B 73 31.92 34.47 -26.18
C VAL B 73 32.48 33.77 -27.40
N ILE B 74 31.85 33.97 -28.54
CA ILE B 74 32.32 33.32 -29.76
C ILE B 74 32.49 34.37 -30.86
N PRO B 75 33.51 34.21 -31.71
CA PRO B 75 33.86 35.10 -32.84
C PRO B 75 32.98 35.17 -34.09
N CYS B 76 33.35 36.09 -34.97
CA CYS B 76 32.68 36.36 -36.23
C CYS B 76 32.34 35.11 -37.04
N GLN B 77 31.05 34.81 -37.15
CA GLN B 77 30.54 33.66 -37.89
C GLN B 77 29.85 34.28 -39.09
N SER B 78 30.19 35.56 -39.32
CA SER B 78 29.64 36.38 -40.41
C SER B 78 28.15 36.23 -40.56
N PHE B 79 27.45 37.05 -39.80
CA PHE B 79 25.99 37.12 -39.74
C PHE B 79 25.34 37.64 -41.00
N VAL B 80 24.28 36.97 -41.37
CA VAL B 80 23.52 37.33 -42.56
C VAL B 80 22.13 36.76 -42.32
N VAL B 81 21.12 37.37 -42.95
CA VAL B 81 19.76 36.90 -42.78
C VAL B 81 19.74 35.39 -43.05
N THR B 82 18.76 34.70 -42.45
CA THR B 82 18.61 33.25 -42.59
C THR B 82 19.95 32.54 -42.41
N ASP B 83 20.39 32.50 -41.16
CA ASP B 83 21.64 31.88 -40.75
C ASP B 83 21.34 31.24 -39.40
N VAL B 84 21.32 29.91 -39.36
CA VAL B 84 21.05 29.20 -38.11
C VAL B 84 22.19 28.28 -37.71
N ASP B 85 22.70 28.46 -36.50
CA ASP B 85 23.79 27.63 -36.01
C ASP B 85 23.31 26.87 -34.79
N TYR B 86 23.64 25.58 -34.73
CA TYR B 86 23.24 24.71 -33.62
C TYR B 86 24.26 24.55 -32.50
N PHE B 87 23.75 24.50 -31.27
CA PHE B 87 24.59 24.34 -30.10
C PHE B 87 24.27 23.06 -29.38
N SER B 88 25.31 22.37 -28.99
CA SER B 88 25.18 21.11 -28.28
C SER B 88 26.13 21.15 -27.09
N PHE B 89 25.99 20.17 -26.21
CA PHE B 89 26.83 20.09 -25.03
C PHE B 89 27.54 18.74 -25.03
N GLN B 90 28.87 18.81 -25.10
CA GLN B 90 29.72 17.64 -25.12
C GLN B 90 30.28 17.30 -23.75
N PRO B 91 30.00 16.08 -23.26
CA PRO B 91 30.50 15.64 -21.94
C PRO B 91 32.01 15.45 -21.99
N ASP B 92 32.68 15.69 -20.87
CA ASP B 92 34.13 15.55 -20.78
C ASP B 92 34.65 14.15 -21.14
N ARG B 93 33.87 13.12 -20.83
CA ARG B 93 34.31 11.77 -21.14
C ARG B 93 33.23 10.93 -21.78
N PRO B 94 33.62 10.04 -22.70
CA PRO B 94 32.63 9.18 -23.38
C PRO B 94 31.79 8.35 -22.39
N LEU B 95 30.47 8.47 -22.50
CA LEU B 95 29.55 7.74 -21.63
C LEU B 95 28.62 6.84 -22.43
N GLY B 96 28.23 5.71 -21.82
CA GLY B 96 27.35 4.77 -22.48
C GLY B 96 27.58 3.28 -22.20
N THR B 97 26.65 2.47 -22.66
CA THR B 97 26.74 1.03 -22.47
C THR B 97 26.19 0.32 -23.69
N ARG B 98 26.64 -0.91 -23.92
CA ARG B 98 26.18 -1.68 -25.07
C ARG B 98 25.76 -3.06 -24.59
N LEU B 99 25.03 -3.75 -25.46
CA LEU B 99 24.54 -5.09 -25.16
C LEU B 99 24.12 -5.79 -26.44
N THR B 100 24.76 -6.92 -26.70
CA THR B 100 24.45 -7.69 -27.89
C THR B 100 23.31 -8.63 -27.54
N VAL B 101 22.10 -8.20 -27.84
CA VAL B 101 20.95 -9.01 -27.56
C VAL B 101 20.70 -10.01 -28.67
N THR B 102 21.17 -11.24 -28.51
CA THR B 102 20.97 -12.28 -29.52
C THR B 102 19.49 -12.60 -29.28
N LEU B 103 18.64 -12.08 -30.16
CA LEU B 103 17.18 -12.27 -30.08
C LEU B 103 16.70 -13.55 -29.38
N THR B 104 17.13 -14.70 -29.90
CA THR B 104 16.74 -15.99 -29.30
C THR B 104 16.97 -16.10 -27.78
N GLN B 105 18.11 -15.61 -27.31
CA GLN B 105 18.44 -15.65 -25.89
C GLN B 105 17.82 -14.53 -25.04
N HIS B 106 16.96 -13.73 -25.66
CA HIS B 106 16.31 -12.62 -24.95
C HIS B 106 14.86 -12.49 -25.39
N VAL B 107 14.13 -13.60 -25.35
CA VAL B 107 12.72 -13.57 -25.75
C VAL B 107 11.71 -13.53 -24.60
N GLN B 108 10.82 -12.55 -24.67
CA GLN B 108 9.77 -12.35 -23.66
C GLN B 108 8.45 -12.52 -24.37
N PRO B 109 7.83 -13.70 -24.23
CA PRO B 109 6.54 -14.06 -24.85
C PRO B 109 5.47 -13.05 -24.53
N PRO B 110 4.51 -12.87 -25.43
CA PRO B 110 3.46 -11.90 -25.15
C PRO B 110 2.59 -12.41 -24.00
N GLU B 111 1.87 -11.50 -23.35
CA GLU B 111 1.00 -11.85 -22.23
C GLU B 111 -0.30 -12.44 -22.72
N PRO B 112 -0.87 -13.37 -21.95
CA PRO B 112 -2.16 -13.98 -22.34
C PRO B 112 -3.32 -12.99 -22.18
N ARG B 113 -4.45 -13.28 -22.83
CA ARG B 113 -5.63 -12.42 -22.77
C ARG B 113 -6.90 -13.24 -22.77
N ASP B 114 -8.04 -12.54 -22.85
CA ASP B 114 -9.36 -13.18 -22.86
C ASP B 114 -9.46 -14.28 -21.81
N LEU B 115 -8.97 -13.97 -20.61
CA LEU B 115 -8.99 -14.93 -19.52
C LEU B 115 -10.41 -15.06 -19.02
N GLN B 116 -10.93 -16.28 -19.02
CA GLN B 116 -12.29 -16.53 -18.55
C GLN B 116 -12.35 -17.93 -17.97
N ILE B 117 -13.30 -18.14 -17.07
CA ILE B 117 -13.47 -19.43 -16.44
C ILE B 117 -14.90 -19.94 -16.58
N SER B 118 -15.03 -21.13 -17.14
CA SER B 118 -16.34 -21.75 -17.33
C SER B 118 -16.38 -22.89 -16.30
N THR B 119 -17.43 -22.93 -15.47
CA THR B 119 -17.52 -23.99 -14.47
C THR B 119 -18.24 -25.18 -15.06
N ASP B 120 -17.89 -26.36 -14.56
CA ASP B 120 -18.47 -27.61 -15.02
C ASP B 120 -18.55 -28.57 -13.84
N GLN B 121 -19.56 -28.42 -12.99
CA GLN B 121 -19.74 -29.28 -11.81
C GLN B 121 -18.44 -29.37 -11.02
N ASP B 122 -18.33 -28.56 -9.97
CA ASP B 122 -17.15 -28.50 -9.12
C ASP B 122 -15.81 -28.59 -9.86
N HIS B 123 -15.77 -28.02 -11.06
CA HIS B 123 -14.59 -27.99 -11.91
C HIS B 123 -14.63 -26.66 -12.64
N PHE B 124 -13.48 -26.03 -12.80
CA PHE B 124 -13.44 -24.75 -13.50
C PHE B 124 -12.39 -24.78 -14.60
N LEU B 125 -12.84 -24.59 -15.84
CA LEU B 125 -11.94 -24.60 -16.98
C LEU B 125 -11.47 -23.17 -17.22
N LEU B 126 -10.19 -22.92 -16.98
CA LEU B 126 -9.64 -21.59 -17.17
C LEU B 126 -9.11 -21.57 -18.58
N THR B 127 -9.63 -20.64 -19.38
CA THR B 127 -9.21 -20.49 -20.77
C THR B 127 -8.60 -19.13 -21.01
N TRP B 128 -7.77 -19.04 -22.04
CA TRP B 128 -7.11 -17.81 -22.39
C TRP B 128 -6.48 -17.95 -23.77
N SER B 129 -6.01 -16.85 -24.33
CA SER B 129 -5.40 -16.85 -25.64
C SER B 129 -4.14 -16.01 -25.59
N VAL B 130 -3.37 -16.05 -26.67
CA VAL B 130 -2.12 -15.29 -26.77
C VAL B 130 -1.92 -14.81 -28.20
N ALA B 131 -1.71 -13.51 -28.35
CA ALA B 131 -1.51 -12.93 -29.67
C ALA B 131 -0.05 -13.11 -30.04
N LEU B 132 0.24 -14.11 -30.87
CA LEU B 132 1.59 -14.40 -31.33
C LEU B 132 2.02 -13.43 -32.42
N GLY B 133 1.17 -13.28 -33.43
CA GLY B 133 1.47 -12.36 -34.53
C GLY B 133 0.33 -12.36 -35.53
N SER B 134 0.68 -12.17 -36.79
CA SER B 134 -0.30 -12.19 -37.88
C SER B 134 0.12 -13.20 -38.94
N PRO B 135 1.00 -12.83 -39.88
CA PRO B 135 1.31 -13.92 -40.81
C PRO B 135 2.14 -14.95 -40.05
N GLN B 136 1.78 -16.23 -40.20
CA GLN B 136 2.46 -17.32 -39.53
C GLN B 136 3.97 -17.11 -39.37
N SER B 137 4.33 -16.35 -38.34
CA SER B 137 5.72 -16.02 -38.01
C SER B 137 6.34 -17.25 -37.35
N HIS B 138 6.97 -18.10 -38.14
CA HIS B 138 7.60 -19.31 -37.63
C HIS B 138 8.67 -19.12 -36.54
N TRP B 139 9.07 -17.88 -36.29
CA TRP B 139 10.09 -17.62 -35.28
C TRP B 139 9.63 -18.22 -33.98
N LEU B 140 8.46 -17.80 -33.53
CA LEU B 140 7.89 -18.29 -32.29
C LEU B 140 6.58 -19.01 -32.60
N SER B 141 6.51 -20.29 -32.26
CA SER B 141 5.32 -21.08 -32.50
C SER B 141 4.70 -21.42 -31.14
N PRO B 142 3.38 -21.63 -31.11
CA PRO B 142 2.72 -21.95 -29.83
C PRO B 142 3.43 -23.11 -29.09
N GLY B 143 4.15 -23.95 -29.84
CA GLY B 143 4.84 -25.08 -29.25
C GLY B 143 6.13 -24.68 -28.59
N ASP B 144 6.33 -23.36 -28.51
CA ASP B 144 7.52 -22.80 -27.92
C ASP B 144 7.20 -22.20 -26.56
N LEU B 145 5.92 -21.96 -26.33
CA LEU B 145 5.48 -21.37 -25.07
C LEU B 145 5.06 -22.38 -24.02
N GLU B 146 4.98 -21.90 -22.79
CA GLU B 146 4.60 -22.68 -21.62
C GLU B 146 3.78 -21.70 -20.76
N PHE B 147 2.76 -22.19 -20.08
CA PHE B 147 1.96 -21.30 -19.26
C PHE B 147 2.01 -21.58 -17.77
N GLU B 148 2.16 -20.53 -16.98
CA GLU B 148 2.22 -20.65 -15.53
C GLU B 148 1.06 -19.89 -14.95
N VAL B 149 0.08 -20.60 -14.41
CA VAL B 149 -1.07 -19.95 -13.80
C VAL B 149 -0.95 -20.00 -12.31
N VAL B 150 -1.26 -18.89 -11.66
CA VAL B 150 -1.20 -18.76 -10.21
C VAL B 150 -2.60 -18.49 -9.65
N TYR B 151 -2.95 -19.06 -8.52
CA TYR B 151 -4.28 -18.80 -8.00
C TYR B 151 -4.31 -18.71 -6.50
N LYS B 152 -5.31 -18.00 -5.99
CA LYS B 152 -5.48 -17.80 -4.56
C LYS B 152 -6.90 -17.29 -4.31
N ARG B 153 -7.17 -16.90 -3.08
CA ARG B 153 -8.49 -16.39 -2.73
C ARG B 153 -8.38 -14.86 -2.65
N LEU B 154 -9.54 -14.20 -2.61
CA LEU B 154 -9.59 -12.75 -2.54
C LEU B 154 -9.35 -12.36 -1.08
N GLN B 155 -8.23 -12.83 -0.52
CA GLN B 155 -7.88 -12.54 0.87
C GLN B 155 -6.38 -12.61 1.02
N ASP B 156 -5.86 -13.81 0.81
CA ASP B 156 -4.43 -14.09 0.91
C ASP B 156 -3.57 -13.36 -0.12
N SER B 157 -2.28 -13.32 0.15
CA SER B 157 -1.31 -12.66 -0.73
C SER B 157 -0.69 -13.65 -1.70
N TRP B 158 -0.34 -13.13 -2.87
CA TRP B 158 0.27 -13.96 -3.91
C TRP B 158 1.58 -14.62 -3.50
N GLU B 159 2.17 -14.21 -2.38
CA GLU B 159 3.42 -14.83 -1.95
C GLU B 159 3.28 -16.33 -1.69
N ASP B 160 2.06 -16.77 -1.42
CA ASP B 160 1.80 -18.18 -1.17
C ASP B 160 1.91 -18.92 -2.50
N ALA B 161 1.87 -18.13 -3.55
CA ALA B 161 1.96 -18.58 -4.94
C ALA B 161 1.59 -20.01 -5.28
N ALA B 162 0.30 -20.33 -5.23
CA ALA B 162 -0.14 -21.69 -5.54
C ALA B 162 -0.10 -21.76 -7.08
N ILE B 163 1.03 -22.18 -7.63
CA ILE B 163 1.18 -22.27 -9.08
C ILE B 163 0.70 -23.56 -9.73
N LEU B 164 0.56 -23.51 -11.04
CA LEU B 164 0.12 -24.61 -11.87
C LEU B 164 0.62 -24.27 -13.27
N LEU B 165 0.87 -25.27 -14.10
CA LEU B 165 1.37 -25.00 -15.44
C LEU B 165 0.58 -25.76 -16.49
N SER B 166 0.82 -25.41 -17.76
CA SER B 166 0.16 -26.06 -18.87
C SER B 166 0.96 -25.81 -20.15
N ASN B 167 0.85 -26.74 -21.07
CA ASN B 167 1.52 -26.70 -22.36
C ASN B 167 0.44 -26.24 -23.33
N THR B 168 -0.80 -26.16 -22.86
CA THR B 168 -1.90 -25.72 -23.71
C THR B 168 -2.48 -24.52 -23.00
N SER B 169 -3.22 -23.70 -23.73
CA SER B 169 -3.86 -22.51 -23.16
C SER B 169 -5.15 -22.93 -22.45
N GLN B 170 -5.01 -23.74 -21.39
CA GLN B 170 -6.16 -24.22 -20.64
C GLN B 170 -5.70 -24.98 -19.39
N ALA B 171 -6.42 -24.80 -18.29
CA ALA B 171 -6.11 -25.46 -17.04
C ALA B 171 -7.41 -25.96 -16.43
N THR B 172 -7.33 -27.06 -15.69
CA THR B 172 -8.52 -27.62 -15.08
C THR B 172 -8.42 -27.48 -13.56
N LEU B 173 -9.06 -26.45 -13.01
CA LEU B 173 -9.04 -26.20 -11.57
C LEU B 173 -10.21 -26.92 -10.95
N GLY B 174 -9.91 -27.75 -9.95
CA GLY B 174 -10.95 -28.52 -9.28
C GLY B 174 -10.87 -28.56 -7.76
N PRO B 175 -11.73 -29.37 -7.15
CA PRO B 175 -11.91 -29.61 -5.71
C PRO B 175 -10.61 -29.93 -4.96
N GLU B 176 -9.63 -30.46 -5.68
CA GLU B 176 -8.36 -30.80 -5.05
C GLU B 176 -7.42 -29.60 -5.04
N HIS B 177 -7.93 -28.45 -5.46
CA HIS B 177 -7.17 -27.19 -5.50
C HIS B 177 -7.85 -26.12 -4.67
N LEU B 178 -9.06 -25.78 -5.06
CA LEU B 178 -9.86 -24.77 -4.38
C LEU B 178 -10.62 -25.30 -3.17
N MET B 179 -10.99 -24.42 -2.26
CA MET B 179 -11.73 -24.85 -1.09
C MET B 179 -13.15 -24.26 -1.12
N PRO B 180 -14.16 -25.14 -0.99
CA PRO B 180 -15.63 -25.14 -0.97
C PRO B 180 -16.54 -23.92 -0.80
N SER B 181 -16.01 -22.75 -0.52
CA SER B 181 -16.92 -21.63 -0.37
C SER B 181 -16.18 -20.32 -0.47
N SER B 182 -14.96 -20.40 -0.96
CA SER B 182 -14.14 -19.21 -1.09
C SER B 182 -14.18 -18.65 -2.49
N THR B 183 -14.00 -17.34 -2.59
CA THR B 183 -14.01 -16.64 -3.87
C THR B 183 -12.54 -16.65 -4.26
N TYR B 184 -12.24 -17.25 -5.39
CA TYR B 184 -10.87 -17.32 -5.85
C TYR B 184 -10.50 -16.26 -6.86
N VAL B 185 -9.21 -16.19 -7.14
CA VAL B 185 -8.66 -15.24 -8.10
C VAL B 185 -7.45 -15.94 -8.72
N ALA B 186 -7.25 -15.78 -10.02
CA ALA B 186 -6.11 -16.41 -10.68
C ALA B 186 -5.68 -15.56 -11.85
N ARG B 187 -4.43 -15.72 -12.24
CA ARG B 187 -3.84 -14.98 -13.35
C ARG B 187 -2.88 -15.90 -14.10
N VAL B 188 -2.47 -15.52 -15.31
CA VAL B 188 -1.55 -16.36 -16.07
C VAL B 188 -0.40 -15.58 -16.70
N ARG B 189 0.75 -16.23 -16.79
CA ARG B 189 1.94 -15.63 -17.35
C ARG B 189 2.44 -16.58 -18.42
N THR B 190 3.06 -16.04 -19.46
CA THR B 190 3.54 -16.89 -20.54
C THR B 190 5.03 -17.14 -20.44
N ARG B 191 5.38 -18.40 -20.24
CA ARG B 191 6.78 -18.81 -20.11
C ARG B 191 7.28 -19.43 -21.40
N LEU B 192 8.54 -19.81 -21.40
CA LEU B 192 9.19 -20.44 -22.53
C LEU B 192 9.37 -21.93 -22.18
N ALA B 193 8.65 -22.80 -22.87
CA ALA B 193 8.77 -24.23 -22.60
C ALA B 193 10.23 -24.68 -22.79
N PRO B 194 10.67 -25.73 -22.06
CA PRO B 194 12.04 -26.25 -22.15
C PRO B 194 12.50 -26.41 -23.61
N GLY B 195 11.62 -26.93 -24.46
CA GLY B 195 11.92 -27.06 -25.88
C GLY B 195 11.70 -25.62 -26.27
N SER B 196 12.77 -24.90 -26.56
CA SER B 196 12.58 -23.49 -26.84
C SER B 196 13.46 -22.84 -27.89
N ARG B 197 13.46 -21.51 -27.83
CA ARG B 197 14.23 -20.64 -28.70
C ARG B 197 15.50 -20.44 -27.88
N LEU B 198 15.29 -20.01 -26.65
CA LEU B 198 16.39 -19.76 -25.72
C LEU B 198 15.83 -19.05 -24.48
N SER B 199 16.75 -18.56 -23.64
CA SER B 199 16.34 -17.87 -22.43
C SER B 199 15.59 -16.57 -22.73
N GLY B 200 15.00 -16.00 -21.68
CA GLY B 200 14.23 -14.77 -21.79
C GLY B 200 13.28 -14.77 -20.63
N ARG B 201 13.04 -13.63 -20.02
CA ARG B 201 12.13 -13.61 -18.89
C ARG B 201 10.75 -13.89 -19.43
N PRO B 202 9.86 -14.48 -18.60
CA PRO B 202 8.49 -14.76 -19.07
C PRO B 202 7.76 -13.44 -19.13
N SER B 203 6.59 -13.42 -19.77
CA SER B 203 5.80 -12.21 -19.90
C SER B 203 5.37 -11.67 -18.56
N LYS B 204 4.59 -10.60 -18.59
CA LYS B 204 4.14 -10.03 -17.35
C LYS B 204 2.76 -10.65 -17.13
N TRP B 205 2.40 -10.90 -15.88
CA TRP B 205 1.12 -11.48 -15.54
C TRP B 205 -0.04 -10.77 -16.25
N SER B 206 -1.03 -11.54 -16.69
CA SER B 206 -2.17 -11.00 -17.38
C SER B 206 -3.18 -10.49 -16.36
N PRO B 207 -4.26 -9.85 -16.82
CA PRO B 207 -5.23 -9.36 -15.83
C PRO B 207 -5.80 -10.56 -15.10
N GLU B 208 -6.08 -10.39 -13.82
CA GLU B 208 -6.63 -11.48 -13.03
C GLU B 208 -8.12 -11.64 -13.23
N VAL B 209 -8.61 -12.87 -13.06
CA VAL B 209 -10.03 -13.18 -13.21
C VAL B 209 -10.52 -13.71 -11.86
N CYS B 210 -11.69 -13.25 -11.43
CA CYS B 210 -12.29 -13.67 -10.15
C CYS B 210 -13.54 -14.54 -10.35
N TRP B 211 -13.70 -15.53 -9.48
CA TRP B 211 -14.85 -16.41 -9.58
C TRP B 211 -15.06 -17.10 -8.23
N ASP B 212 -16.29 -17.47 -7.94
CA ASP B 212 -16.58 -18.14 -6.68
C ASP B 212 -16.46 -19.63 -6.95
N SER B 213 -15.90 -20.38 -5.99
CA SER B 213 -15.73 -21.81 -6.16
C SER B 213 -16.96 -22.62 -5.83
N GLN B 214 -16.81 -23.92 -5.98
CA GLN B 214 -17.87 -24.89 -5.72
C GLN B 214 -18.78 -24.52 -4.55
N PRO B 215 -20.06 -24.88 -4.64
CA PRO B 215 -20.95 -24.54 -3.52
C PRO B 215 -20.40 -25.23 -2.26
N GLY B 216 -20.54 -24.61 -1.10
CA GLY B 216 -20.01 -25.21 0.10
C GLY B 216 -20.86 -24.80 1.26
N ASP B 217 -20.37 -25.20 2.43
CA ASP B 217 -21.01 -24.91 3.67
C ASP B 217 -20.29 -23.78 4.36
N GLU B 218 -20.88 -22.60 4.34
CA GLU B 218 -20.28 -21.44 5.00
C GLU B 218 -20.57 -21.67 6.47
N ALA B 219 -20.21 -20.70 7.30
CA ALA B 219 -20.45 -20.83 8.73
C ALA B 219 -19.74 -22.06 9.27
N GLN B 220 -18.64 -22.43 8.64
CA GLN B 220 -17.86 -23.58 9.04
C GLN B 220 -16.42 -23.16 9.11
N PRO B 221 -15.61 -23.87 9.90
CA PRO B 221 -14.19 -23.51 10.00
C PRO B 221 -13.42 -24.09 8.80
N GLN B 222 -12.45 -23.34 8.30
CA GLN B 222 -11.64 -23.76 7.15
C GLN B 222 -10.17 -23.66 7.45
N ASN B 223 -9.35 -24.04 6.48
CA ASN B 223 -7.90 -24.00 6.63
C ASN B 223 -7.38 -24.48 7.97
N LEU B 224 -7.36 -25.79 8.22
CA LEU B 224 -6.86 -26.28 9.49
C LEU B 224 -5.38 -26.64 9.33
N GLU B 225 -4.61 -25.74 8.73
CA GLU B 225 -3.21 -26.00 8.52
C GLU B 225 -2.45 -26.15 9.82
N CYS B 226 -1.81 -27.30 10.00
CA CYS B 226 -1.05 -27.53 11.23
C CYS B 226 0.35 -27.90 10.81
N PHE B 227 1.33 -27.11 11.28
CA PHE B 227 2.73 -27.37 10.95
C PHE B 227 3.61 -27.59 12.17
N PHE B 228 4.27 -28.73 12.18
CA PHE B 228 5.15 -29.13 13.25
C PHE B 228 6.43 -28.33 13.24
N ASP B 229 6.70 -27.65 14.35
CA ASP B 229 7.89 -26.82 14.52
C ASP B 229 9.03 -27.62 15.13
N GLY B 230 10.18 -27.61 14.44
CA GLY B 230 11.35 -28.33 14.92
C GLY B 230 11.03 -29.65 15.58
N ALA B 231 10.93 -29.66 16.92
CA ALA B 231 10.63 -30.89 17.62
C ALA B 231 10.05 -30.68 19.01
N ALA B 232 9.23 -29.65 19.17
CA ALA B 232 8.63 -29.38 20.48
C ALA B 232 7.24 -28.73 20.43
N VAL B 233 6.94 -28.03 19.33
CA VAL B 233 5.64 -27.37 19.19
C VAL B 233 4.97 -27.68 17.85
N LEU B 234 3.65 -27.58 17.81
CA LEU B 234 2.86 -27.83 16.60
C LEU B 234 1.84 -26.71 16.50
N SER B 235 2.05 -25.81 15.55
CA SER B 235 1.14 -24.69 15.36
C SER B 235 0.10 -24.91 14.29
N CYS B 236 -1.13 -24.58 14.62
CA CYS B 236 -2.23 -24.75 13.69
C CYS B 236 -2.90 -23.41 13.36
N SER B 237 -3.10 -23.18 12.06
CA SER B 237 -3.72 -21.96 11.55
C SER B 237 -5.19 -22.12 11.19
N TRP B 238 -6.00 -21.87 12.21
CA TRP B 238 -7.47 -21.91 12.24
C TRP B 238 -8.06 -20.87 11.27
N GLU B 239 -9.36 -20.92 11.04
CA GLU B 239 -10.04 -19.97 10.15
C GLU B 239 -11.55 -20.16 10.25
N VAL B 240 -12.22 -19.14 10.79
CA VAL B 240 -13.67 -19.21 10.97
C VAL B 240 -14.35 -17.91 10.56
N ARG B 241 -15.65 -18.01 10.25
CA ARG B 241 -16.45 -16.87 9.83
C ARG B 241 -16.62 -15.86 10.96
N LYS B 242 -16.27 -14.61 10.70
CA LYS B 242 -16.40 -13.55 11.69
C LYS B 242 -17.83 -13.29 12.16
N GLU B 243 -18.76 -14.19 11.88
CA GLU B 243 -20.14 -14.00 12.30
C GLU B 243 -20.53 -15.23 13.12
N VAL B 244 -19.95 -16.35 12.74
CA VAL B 244 -20.22 -17.58 13.44
C VAL B 244 -19.54 -17.51 14.80
N ALA B 245 -18.35 -16.92 14.81
CA ALA B 245 -17.56 -16.76 16.01
C ALA B 245 -18.26 -15.95 17.09
N SER B 246 -19.30 -15.22 16.71
CA SER B 246 -20.04 -14.40 17.67
C SER B 246 -21.26 -15.12 18.22
N SER B 247 -21.38 -16.41 17.95
CA SER B 247 -22.50 -17.21 18.42
C SER B 247 -22.01 -18.59 18.78
N VAL B 248 -20.98 -19.04 18.07
CA VAL B 248 -20.41 -20.35 18.31
C VAL B 248 -18.93 -20.20 18.59
N SER B 249 -18.53 -20.46 19.82
CA SER B 249 -17.13 -20.35 20.22
C SER B 249 -16.50 -21.72 19.96
N PHE B 250 -15.43 -21.75 19.17
CA PHE B 250 -14.75 -22.99 18.86
C PHE B 250 -13.45 -23.15 19.62
N GLY B 251 -12.97 -24.39 19.71
CA GLY B 251 -11.72 -24.66 20.39
C GLY B 251 -10.96 -25.66 19.56
N LEU B 252 -9.66 -25.83 19.81
CA LEU B 252 -8.86 -26.79 19.06
C LEU B 252 -8.48 -27.95 19.97
N PHE B 253 -8.96 -29.14 19.62
CA PHE B 253 -8.72 -30.37 20.34
C PHE B 253 -7.72 -31.23 19.58
N TYR B 254 -7.00 -32.09 20.31
CA TYR B 254 -6.02 -32.96 19.67
C TYR B 254 -5.77 -34.23 20.45
N LYS B 255 -5.77 -35.36 19.74
CA LYS B 255 -5.54 -36.65 20.36
C LYS B 255 -4.61 -37.49 19.49
N PRO B 256 -3.48 -37.93 20.06
CA PRO B 256 -2.54 -38.75 19.30
C PRO B 256 -2.89 -40.23 19.38
N SER B 257 -3.89 -40.65 18.61
CA SER B 257 -4.34 -42.05 18.59
C SER B 257 -3.25 -43.00 18.10
N PRO B 258 -3.30 -44.25 18.58
CA PRO B 258 -2.33 -45.27 18.22
C PRO B 258 -0.94 -44.93 18.73
N ARG B 267 -9.04 -37.65 26.49
CA ARG B 267 -7.88 -37.18 25.74
C ARG B 267 -7.74 -35.64 25.80
N GLU B 268 -6.51 -35.14 25.80
CA GLU B 268 -6.27 -33.70 25.84
C GLU B 268 -7.09 -33.07 24.73
N GLU B 269 -7.43 -31.80 24.89
CA GLU B 269 -8.22 -31.18 23.85
C GLU B 269 -8.21 -29.66 23.80
N GLU B 270 -7.27 -29.02 24.47
CA GLU B 270 -7.25 -27.58 24.40
C GLU B 270 -5.86 -27.05 24.60
N CYS B 271 -5.62 -25.81 24.18
CA CYS B 271 -4.30 -25.20 24.32
C CYS B 271 -4.41 -24.03 25.29
N SER B 272 -3.32 -23.74 25.99
CA SER B 272 -3.32 -22.64 26.94
C SER B 272 -3.63 -21.35 26.19
N PRO B 273 -3.05 -21.18 24.99
CA PRO B 273 -3.41 -19.93 24.32
C PRO B 273 -4.05 -20.12 22.92
N VAL B 274 -5.08 -19.33 22.66
CA VAL B 274 -5.78 -19.38 21.37
C VAL B 274 -5.89 -17.93 20.92
N LEU B 275 -4.79 -17.39 20.41
CA LEU B 275 -4.76 -16.02 19.94
C LEU B 275 -5.52 -15.80 18.65
N ARG B 276 -6.36 -14.77 18.64
CA ARG B 276 -7.17 -14.41 17.49
C ARG B 276 -6.47 -13.34 16.66
N GLU B 277 -6.50 -13.51 15.35
CA GLU B 277 -5.87 -12.58 14.43
C GLU B 277 -6.88 -12.27 13.34
N GLY B 278 -7.35 -11.04 13.29
CA GLY B 278 -8.34 -10.66 12.28
C GLY B 278 -7.81 -10.72 10.87
N LEU B 279 -8.59 -11.34 9.98
CA LEU B 279 -8.19 -11.46 8.59
C LEU B 279 -8.98 -10.43 7.77
N GLY B 280 -9.45 -10.82 6.59
CA GLY B 280 -10.21 -9.90 5.76
C GLY B 280 -11.65 -9.71 6.18
N SER B 281 -11.84 -9.16 7.39
CA SER B 281 -13.17 -8.91 7.94
C SER B 281 -14.10 -10.13 7.98
N LEU B 282 -14.50 -10.56 6.80
CA LEU B 282 -15.38 -11.71 6.62
C LEU B 282 -14.85 -12.96 7.32
N HIS B 283 -13.57 -12.95 7.68
CA HIS B 283 -12.96 -14.10 8.36
C HIS B 283 -12.03 -13.73 9.52
N THR B 284 -11.91 -14.64 10.48
CA THR B 284 -11.06 -14.39 11.64
C THR B 284 -10.36 -15.69 11.94
N ARG B 285 -9.05 -15.72 11.69
CA ARG B 285 -8.22 -16.90 11.93
C ARG B 285 -7.73 -16.95 13.36
N HIS B 286 -7.55 -18.16 13.87
CA HIS B 286 -7.08 -18.35 15.23
C HIS B 286 -5.80 -19.16 15.19
N HIS B 287 -5.11 -19.23 16.33
CA HIS B 287 -3.86 -19.97 16.44
C HIS B 287 -3.79 -20.63 17.81
N CYS B 288 -3.03 -21.72 17.89
CA CYS B 288 -2.86 -22.46 19.13
C CYS B 288 -1.55 -23.20 19.00
N GLN B 289 -0.83 -23.35 20.10
CA GLN B 289 0.43 -24.05 20.06
C GLN B 289 0.27 -25.31 20.87
N ILE B 290 0.17 -26.44 20.17
CA ILE B 290 0.02 -27.74 20.78
C ILE B 290 1.39 -28.24 21.14
N PRO B 291 1.58 -28.67 22.39
CA PRO B 291 2.89 -29.18 22.82
C PRO B 291 3.06 -30.62 22.41
N VAL B 292 4.27 -30.99 22.02
CA VAL B 292 4.52 -32.36 21.61
C VAL B 292 5.94 -32.77 22.05
N PRO B 293 6.04 -33.47 23.21
CA PRO B 293 7.28 -33.96 23.83
C PRO B 293 7.80 -35.26 23.23
N ASP B 294 6.92 -36.10 22.71
CA ASP B 294 7.35 -37.37 22.11
C ASP B 294 6.94 -37.46 20.65
N PRO B 295 7.68 -36.79 19.75
CA PRO B 295 7.42 -36.78 18.30
C PRO B 295 7.62 -38.16 17.68
N ALA B 296 8.61 -38.90 18.17
CA ALA B 296 8.87 -40.23 17.64
C ALA B 296 7.81 -41.24 18.09
N THR B 297 7.52 -41.23 19.38
CA THR B 297 6.54 -42.13 19.98
C THR B 297 5.13 -41.84 19.48
N HIS B 298 4.83 -40.56 19.26
CA HIS B 298 3.51 -40.13 18.75
C HIS B 298 3.69 -39.18 17.59
N GLY B 299 3.67 -39.72 16.38
CA GLY B 299 3.85 -38.91 15.19
C GLY B 299 2.52 -38.72 14.51
N GLN B 300 1.45 -39.15 15.17
CA GLN B 300 0.11 -39.01 14.63
C GLN B 300 -0.76 -38.24 15.59
N TYR B 301 -1.17 -37.04 15.20
CA TYR B 301 -2.04 -36.22 16.03
C TYR B 301 -3.25 -35.84 15.21
N ILE B 302 -4.42 -36.35 15.55
CA ILE B 302 -5.60 -36.00 14.78
C ILE B 302 -6.26 -34.80 15.46
N VAL B 303 -6.03 -33.61 14.92
CA VAL B 303 -6.60 -32.38 15.46
C VAL B 303 -8.01 -32.18 14.95
N SER B 304 -8.79 -31.45 15.72
CA SER B 304 -10.16 -31.17 15.38
C SER B 304 -10.54 -29.80 15.90
N VAL B 305 -11.52 -29.19 15.26
CA VAL B 305 -11.99 -27.88 15.68
C VAL B 305 -13.51 -27.98 15.80
N GLN B 306 -14.01 -27.98 17.04
CA GLN B 306 -15.46 -28.06 17.24
C GLN B 306 -15.89 -27.14 18.37
N PRO B 307 -17.19 -27.05 18.60
CA PRO B 307 -17.71 -26.18 19.66
C PRO B 307 -17.13 -26.46 21.02
N ARG B 308 -16.53 -25.43 21.60
CA ARG B 308 -15.92 -25.48 22.90
C ARG B 308 -17.06 -25.42 23.90
N ARG B 309 -17.01 -26.29 24.90
CA ARG B 309 -18.04 -26.32 25.92
C ARG B 309 -17.99 -25.01 26.71
N ALA B 310 -18.61 -23.97 26.16
CA ALA B 310 -18.67 -22.65 26.80
C ALA B 310 -19.99 -22.53 27.53
N GLU B 311 -19.94 -22.38 28.86
CA GLU B 311 -21.17 -22.28 29.64
C GLU B 311 -21.15 -21.10 30.56
N LYS B 312 -22.32 -20.55 30.83
CA LYS B 312 -22.42 -19.41 31.73
C LYS B 312 -23.06 -19.97 32.99
N HIS B 313 -22.39 -19.78 34.13
CA HIS B 313 -22.91 -20.27 35.41
C HIS B 313 -23.83 -19.24 36.03
N ILE B 314 -25.05 -19.63 36.34
CA ILE B 314 -26.00 -18.73 36.93
C ILE B 314 -26.37 -19.29 38.29
N LYS B 315 -26.03 -18.58 39.37
CA LYS B 315 -26.34 -19.05 40.72
C LYS B 315 -27.73 -18.57 41.12
N SER B 316 -28.65 -19.52 41.24
CA SER B 316 -30.03 -19.24 41.61
C SER B 316 -30.22 -18.17 42.70
N SER B 317 -29.66 -18.41 43.88
CA SER B 317 -29.78 -17.47 44.99
C SER B 317 -29.16 -16.09 44.76
N VAL B 318 -28.51 -15.89 43.62
CA VAL B 318 -27.90 -14.61 43.31
C VAL B 318 -28.63 -13.93 42.17
N ASN B 319 -29.37 -14.71 41.37
CA ASN B 319 -30.12 -14.14 40.25
C ASN B 319 -31.61 -14.23 40.49
N ILE B 320 -32.06 -13.73 41.63
CA ILE B 320 -33.49 -13.75 41.96
C ILE B 320 -34.22 -12.50 41.46
N GLN B 321 -35.52 -12.66 41.20
CA GLN B 321 -36.36 -11.58 40.74
C GLN B 321 -37.72 -12.06 41.17
N MET B 322 -38.30 -11.39 42.15
CA MET B 322 -39.62 -11.76 42.65
C MET B 322 -40.72 -11.30 41.70
N ALA B 323 -41.94 -11.72 41.99
CA ALA B 323 -43.08 -11.36 41.17
C ALA B 323 -43.74 -10.10 41.75
N PRO B 324 -44.30 -9.26 40.88
CA PRO B 324 -44.95 -8.02 41.29
C PRO B 324 -46.14 -8.34 42.20
N PRO B 325 -46.19 -7.70 43.38
CA PRO B 325 -47.28 -7.90 44.37
C PRO B 325 -48.55 -7.10 44.03
N SER B 326 -49.66 -7.42 44.70
CA SER B 326 -50.92 -6.73 44.47
C SER B 326 -51.00 -5.57 45.46
N LEU B 327 -51.96 -4.66 45.28
CA LEU B 327 -52.06 -3.53 46.22
C LEU B 327 -53.38 -3.29 46.98
N GLN B 328 -54.50 -3.34 46.29
CA GLN B 328 -55.82 -3.13 46.90
C GLN B 328 -55.77 -2.18 48.10
N VAL B 329 -56.05 -0.90 47.88
CA VAL B 329 -56.04 0.13 48.93
C VAL B 329 -57.21 0.07 49.92
N THR B 330 -56.92 0.34 51.19
CA THR B 330 -57.91 0.33 52.26
C THR B 330 -58.10 1.77 52.76
N LYS B 331 -59.35 2.17 52.99
CA LYS B 331 -59.62 3.53 53.45
C LYS B 331 -60.59 3.55 54.61
N ASP B 332 -60.07 3.60 55.83
CA ASP B 332 -60.91 3.63 57.03
C ASP B 332 -60.55 4.88 57.83
N GLY B 333 -61.54 5.70 58.15
CA GLY B 333 -61.30 6.91 58.90
C GLY B 333 -60.59 7.90 58.00
N ASP B 334 -59.28 7.68 57.81
CA ASP B 334 -58.46 8.52 56.96
C ASP B 334 -57.68 7.61 56.01
N SER B 335 -58.04 7.65 54.72
CA SER B 335 -57.38 6.83 53.70
C SER B 335 -55.86 6.99 53.77
N TYR B 336 -55.12 5.88 53.75
CA TYR B 336 -53.67 5.98 53.82
C TYR B 336 -52.99 4.68 53.41
N SER B 337 -53.41 3.59 54.04
CA SER B 337 -52.87 2.25 53.80
C SER B 337 -52.74 1.77 52.35
N LEU B 338 -52.09 0.63 52.19
CA LEU B 338 -51.85 -0.01 50.91
C LEU B 338 -51.60 -1.48 51.23
N ARG B 339 -52.25 -2.40 50.51
CA ARG B 339 -52.05 -3.80 50.79
C ARG B 339 -50.86 -4.41 50.06
N TRP B 340 -50.22 -5.35 50.72
CA TRP B 340 -49.05 -6.06 50.17
C TRP B 340 -49.40 -7.52 49.88
N GLU B 341 -49.47 -7.88 48.60
CA GLU B 341 -49.80 -9.25 48.23
C GLU B 341 -48.50 -10.05 48.18
N THR B 342 -48.06 -10.57 49.32
CA THR B 342 -46.84 -11.35 49.39
C THR B 342 -47.05 -12.71 48.75
N MET B 343 -46.32 -12.98 47.66
CA MET B 343 -46.46 -14.26 47.00
C MET B 343 -45.84 -15.27 47.94
N LYS B 344 -46.68 -15.88 48.78
CA LYS B 344 -46.26 -16.87 49.75
C LYS B 344 -45.34 -17.95 49.19
N MET B 345 -44.02 -17.78 49.38
CA MET B 345 -43.07 -18.77 48.90
C MET B 345 -43.24 -19.86 49.93
N ARG B 346 -43.26 -21.10 49.46
CA ARG B 346 -43.45 -22.21 50.36
C ARG B 346 -42.48 -22.15 51.54
N TYR B 347 -43.06 -21.88 52.70
CA TYR B 347 -42.35 -21.76 53.97
C TYR B 347 -40.88 -21.40 53.84
N GLU B 348 -40.58 -20.48 52.94
CA GLU B 348 -39.21 -20.05 52.73
C GLU B 348 -39.04 -18.75 53.52
N HIS B 349 -38.07 -18.73 54.44
CA HIS B 349 -37.85 -17.50 55.23
C HIS B 349 -36.78 -16.62 54.59
N ILE B 350 -37.22 -15.58 53.88
CA ILE B 350 -36.32 -14.63 53.22
C ILE B 350 -36.83 -13.23 53.45
N ASP B 351 -35.94 -12.30 53.73
CA ASP B 351 -36.35 -10.92 53.98
C ASP B 351 -36.65 -10.22 52.69
N HIS B 352 -37.61 -9.30 52.72
CA HIS B 352 -37.99 -8.55 51.52
C HIS B 352 -38.08 -7.06 51.78
N THR B 353 -37.63 -6.26 50.82
CA THR B 353 -37.67 -4.81 50.95
C THR B 353 -38.66 -4.39 49.87
N PHE B 354 -39.48 -3.41 50.17
CA PHE B 354 -40.44 -2.97 49.17
C PHE B 354 -40.28 -1.50 48.82
N GLU B 355 -40.86 -1.11 47.69
CA GLU B 355 -40.79 0.26 47.24
C GLU B 355 -42.18 0.68 46.80
N ILE B 356 -42.81 1.51 47.62
CA ILE B 356 -44.16 1.99 47.33
C ILE B 356 -44.05 3.37 46.68
N GLN B 357 -44.92 3.65 45.72
CA GLN B 357 -44.89 4.95 45.06
C GLN B 357 -46.20 5.70 45.06
N TYR B 358 -46.10 7.00 45.32
CA TYR B 358 -47.23 7.93 45.36
C TYR B 358 -47.44 8.43 43.94
N ARG B 359 -48.47 9.24 43.75
CA ARG B 359 -48.78 9.79 42.44
C ARG B 359 -50.09 10.59 42.46
N LYS B 360 -50.62 10.85 41.27
CA LYS B 360 -51.87 11.59 41.08
C LYS B 360 -52.15 11.51 39.59
N ASP B 361 -53.42 11.53 39.20
CA ASP B 361 -53.76 11.45 37.79
C ASP B 361 -53.23 12.72 37.10
N THR B 362 -52.74 13.67 37.90
CA THR B 362 -52.21 14.92 37.35
C THR B 362 -50.70 14.97 37.36
N ALA B 363 -50.05 13.85 37.65
CA ALA B 363 -48.59 13.83 37.67
C ALA B 363 -48.00 12.51 37.18
N THR B 364 -46.73 12.55 36.79
CA THR B 364 -46.01 11.38 36.30
C THR B 364 -45.19 10.72 37.40
N TRP B 365 -44.97 9.42 37.25
CA TRP B 365 -44.20 8.64 38.22
C TRP B 365 -42.83 9.19 38.55
N LYS B 366 -42.31 10.11 37.74
CA LYS B 366 -41.00 10.68 37.99
C LYS B 366 -41.00 11.65 39.17
N ASP B 367 -42.19 11.99 39.67
CA ASP B 367 -42.32 12.90 40.81
C ASP B 367 -43.12 12.23 41.91
N SER B 368 -42.81 10.97 42.19
CA SER B 368 -43.53 10.23 43.23
C SER B 368 -42.71 10.11 44.49
N LYS B 369 -43.37 9.69 45.56
CA LYS B 369 -42.74 9.51 46.86
C LYS B 369 -42.50 8.00 46.98
N THR B 370 -41.25 7.60 47.22
CA THR B 370 -40.92 6.19 47.35
C THR B 370 -40.46 5.79 48.76
N GLU B 371 -41.41 5.41 49.60
CA GLU B 371 -41.05 5.01 50.95
C GLU B 371 -40.59 3.56 50.82
N THR B 372 -39.33 3.30 51.17
CA THR B 372 -38.78 1.96 51.09
C THR B 372 -38.56 1.45 52.50
N LEU B 373 -39.18 0.33 52.81
CA LEU B 373 -39.06 -0.28 54.14
C LEU B 373 -38.96 -1.80 54.10
N GLN B 374 -38.74 -2.41 55.25
CA GLN B 374 -38.62 -3.86 55.34
C GLN B 374 -39.79 -4.57 56.02
N ASN B 375 -40.18 -5.71 55.44
CA ASN B 375 -41.26 -6.54 55.92
C ASN B 375 -42.56 -5.83 56.30
N ALA B 376 -42.83 -4.72 55.62
CA ALA B 376 -44.04 -3.95 55.88
C ALA B 376 -45.18 -4.47 54.99
N HIS B 377 -46.42 -4.14 55.36
CA HIS B 377 -47.57 -4.57 54.58
C HIS B 377 -48.55 -3.42 54.40
N SER B 378 -48.09 -2.21 54.72
CA SER B 378 -48.89 -0.97 54.59
C SER B 378 -48.09 0.24 55.06
N MET B 379 -48.65 1.43 54.83
CA MET B 379 -48.00 2.65 55.23
C MET B 379 -49.05 3.70 55.56
N ALA B 380 -48.59 4.91 55.91
CA ALA B 380 -49.50 5.99 56.25
C ALA B 380 -49.46 7.11 55.21
N LEU B 381 -50.50 7.92 55.21
CA LEU B 381 -50.60 9.02 54.27
C LEU B 381 -51.75 9.98 54.54
N PRO B 382 -51.57 11.25 54.17
CA PRO B 382 -52.54 12.35 54.31
C PRO B 382 -52.90 12.89 52.89
N ALA B 383 -53.95 12.35 52.29
CA ALA B 383 -54.41 12.75 50.94
C ALA B 383 -54.97 14.17 50.93
N LEU B 384 -55.91 14.42 50.04
CA LEU B 384 -56.51 15.76 49.92
C LEU B 384 -57.97 15.70 49.48
N GLU B 385 -58.33 16.50 48.49
CA GLU B 385 -59.71 16.55 47.99
C GLU B 385 -59.91 15.65 46.77
N PRO B 386 -58.91 14.85 46.43
CA PRO B 386 -58.99 13.95 45.28
C PRO B 386 -59.29 12.52 45.73
N SER B 387 -60.11 11.83 44.93
CA SER B 387 -60.47 10.44 45.25
C SER B 387 -60.46 9.59 43.99
N THR B 388 -59.56 9.92 43.07
CA THR B 388 -59.43 9.20 41.81
C THR B 388 -57.98 9.39 41.37
N ARG B 389 -57.11 9.51 42.35
CA ARG B 389 -55.68 9.69 42.11
C ARG B 389 -54.92 8.37 42.11
N TYR B 390 -54.06 8.22 41.11
CA TYR B 390 -53.24 7.03 40.94
C TYR B 390 -52.12 7.10 41.98
N TRP B 391 -51.75 5.95 42.51
CA TRP B 391 -50.69 5.90 43.52
C TRP B 391 -50.58 4.48 44.03
N ALA B 392 -50.24 3.55 43.14
CA ALA B 392 -50.11 2.15 43.51
C ALA B 392 -49.04 1.53 42.64
N ARG B 393 -47.85 1.41 43.20
CA ARG B 393 -46.71 0.84 42.51
C ARG B 393 -45.86 0.23 43.63
N VAL B 394 -45.58 -1.06 43.53
CA VAL B 394 -44.78 -1.71 44.54
C VAL B 394 -43.74 -2.67 43.97
N ARG B 395 -42.51 -2.54 44.45
CA ARG B 395 -41.38 -3.37 44.02
C ARG B 395 -40.95 -4.17 45.24
N VAL B 396 -40.43 -5.38 45.02
CA VAL B 396 -39.97 -6.24 46.08
C VAL B 396 -38.52 -6.62 45.77
N ARG B 397 -37.71 -6.79 46.81
CA ARG B 397 -36.32 -7.13 46.62
C ARG B 397 -35.86 -7.98 47.79
N THR B 398 -34.77 -8.72 47.60
CA THR B 398 -34.24 -9.57 48.64
C THR B 398 -33.24 -8.78 49.46
N SER B 399 -33.68 -8.36 50.64
CA SER B 399 -32.87 -7.59 51.56
C SER B 399 -32.35 -8.51 52.67
N ARG B 400 -31.93 -9.71 52.30
CA ARG B 400 -31.41 -10.68 53.26
C ARG B 400 -30.02 -11.08 52.81
N THR B 401 -29.40 -12.01 53.52
CA THR B 401 -28.07 -12.44 53.17
C THR B 401 -28.13 -13.45 52.01
N GLY B 402 -29.34 -13.59 51.45
CA GLY B 402 -29.56 -14.44 50.29
C GLY B 402 -29.15 -13.36 49.31
N TYR B 403 -27.90 -12.98 49.47
CA TYR B 403 -27.25 -11.91 48.76
C TYR B 403 -27.87 -11.08 47.64
N ASN B 404 -28.29 -11.64 46.51
CA ASN B 404 -28.84 -10.69 45.56
C ASN B 404 -29.86 -11.16 44.55
N GLY B 405 -30.30 -10.19 43.75
CA GLY B 405 -31.29 -10.46 42.73
C GLY B 405 -31.53 -9.15 42.03
N ILE B 406 -32.76 -8.94 41.56
CA ILE B 406 -33.13 -7.73 40.86
C ILE B 406 -34.51 -7.22 41.27
N TRP B 407 -34.77 -5.92 41.14
CA TRP B 407 -36.06 -5.33 41.49
C TRP B 407 -37.14 -6.08 40.71
N SER B 408 -38.23 -6.42 41.37
CA SER B 408 -39.32 -7.13 40.72
C SER B 408 -40.09 -6.13 39.89
N GLU B 409 -40.89 -6.61 38.97
CA GLU B 409 -41.67 -5.72 38.13
C GLU B 409 -42.65 -4.98 39.03
N TRP B 410 -43.27 -3.94 38.50
CA TRP B 410 -44.22 -3.16 39.26
C TRP B 410 -45.58 -3.84 39.38
N SER B 411 -46.36 -3.40 40.35
CA SER B 411 -47.69 -3.92 40.62
C SER B 411 -48.68 -3.18 39.72
N GLU B 412 -49.87 -2.92 40.23
CA GLU B 412 -50.85 -2.20 39.43
C GLU B 412 -51.49 -1.04 40.19
N ALA B 413 -51.59 0.12 39.54
CA ALA B 413 -52.16 1.32 40.13
C ALA B 413 -53.66 1.23 40.41
N ARG B 414 -53.99 0.94 41.66
CA ARG B 414 -55.38 0.82 42.07
C ARG B 414 -55.93 2.23 42.26
N SER B 415 -56.47 2.80 41.19
CA SER B 415 -57.04 4.14 41.22
C SER B 415 -58.06 4.30 42.34
N TRP B 416 -57.68 4.95 43.45
CA TRP B 416 -58.63 5.11 44.55
C TRP B 416 -59.19 6.52 44.62
C1 NAG C . -32.97 -18.83 12.01
C2 NAG C . -32.39 -19.09 10.56
C3 NAG C . -32.79 -17.91 9.64
C4 NAG C . -34.28 -17.79 9.63
C5 NAG C . -34.83 -17.56 11.07
C6 NAG C . -36.36 -17.47 11.09
C7 NAG C . -30.34 -20.18 9.74
C8 NAG C . -28.83 -20.19 9.80
N2 NAG C . -30.94 -19.24 10.53
O3 NAG C . -32.30 -18.13 8.30
O4 NAG C . -34.64 -16.71 8.73
O5 NAG C . -34.42 -18.66 11.94
O6 NAG C . -36.87 -17.25 12.40
O7 NAG C . -30.95 -20.98 9.01
C1 NAG C . -35.67 -16.97 7.86
C2 NAG C . -36.49 -15.70 7.59
C3 NAG C . -37.63 -16.09 6.66
C4 NAG C . -37.06 -16.61 5.36
C5 NAG C . -36.15 -17.85 5.65
C6 NAG C . -35.44 -18.45 4.41
C7 NAG C . -36.69 -13.98 9.34
C8 NAG C . -37.36 -13.61 10.64
N2 NAG C . -37.03 -15.18 8.85
O3 NAG C . -38.45 -14.95 6.37
O4 NAG C . -38.21 -16.96 4.61
O5 NAG C . -35.12 -17.51 6.64
O6 NAG C . -34.08 -17.99 4.32
O7 NAG C . -35.90 -13.22 8.78
C1 BMA C . -38.31 -16.62 3.28
C2 BMA C . -39.22 -17.66 2.61
C3 BMA C . -39.34 -17.32 1.11
C4 BMA C . -39.86 -15.88 0.88
C5 BMA C . -39.05 -14.83 1.73
C6 BMA C . -39.70 -13.43 1.77
O2 BMA C . -40.53 -17.61 3.25
O3 BMA C . -40.22 -18.28 0.48
O4 BMA C . -39.69 -15.61 -0.55
O5 BMA C . -38.91 -15.27 3.16
O6 BMA C . -38.90 -12.52 2.57
C1 NAG D . 26.16 -28.46 -1.01
C2 NAG D . 26.02 -29.91 -1.61
C3 NAG D . 27.32 -30.31 -2.34
C4 NAG D . 27.60 -29.28 -3.44
C5 NAG D . 27.74 -27.87 -2.81
C6 NAG D . 27.99 -26.76 -3.84
C7 NAG D . 24.72 -31.80 -0.72
C8 NAG D . 24.54 -32.72 0.47
N2 NAG D . 25.70 -30.89 -0.57
O3 NAG D . 27.18 -31.62 -2.91
O4 NAG D . 28.80 -29.61 -4.18
O5 NAG D . 26.51 -27.51 -2.05
O6 NAG D . 26.74 -26.38 -4.52
O7 NAG D . 24.02 -31.89 -1.73
C1 NAG D . 28.96 -29.89 -5.53
C2 NAG D . 30.42 -29.59 -5.96
C3 NAG D . 30.60 -29.89 -7.49
C4 NAG D . 30.29 -31.36 -7.73
C5 NAG D . 28.81 -31.65 -7.29
C6 NAG D . 28.45 -33.16 -7.50
C7 NAG D . 31.67 -27.83 -4.74
C8 NAG D . 31.86 -26.33 -4.58
N2 NAG D . 30.73 -28.18 -5.67
O3 NAG D . 31.96 -29.63 -7.90
O4 NAG D . 30.48 -31.66 -9.15
O5 NAG D . 28.65 -31.31 -5.82
O6 NAG D . 27.10 -33.49 -7.12
O7 NAG D . 32.33 -28.64 -4.07
C1 FUC D . 25.63 -26.94 -5.20
C2 FUC D . 25.82 -25.81 -6.25
C3 FUC D . 24.57 -25.84 -7.20
C4 FUC D . 24.22 -27.30 -7.77
C5 FUC D . 24.46 -28.50 -6.79
C6 FUC D . 23.34 -29.04 -5.87
O2 FUC D . 27.02 -26.01 -7.03
O3 FUC D . 23.42 -25.35 -6.48
O4 FUC D . 22.86 -27.34 -8.22
O5 FUC D . 25.63 -28.22 -5.94
C1 NAG E . 34.71 20.23 -13.74
C2 NAG E . 35.03 18.90 -12.96
C3 NAG E . 35.05 19.20 -11.44
C4 NAG E . 36.08 20.26 -11.16
C5 NAG E . 35.74 21.56 -11.97
C6 NAG E . 36.80 22.66 -11.74
C7 NAG E . 34.42 16.55 -13.37
C8 NAG E . 33.29 15.55 -13.66
N2 NAG E . 34.04 17.83 -13.25
O3 NAG E . 35.35 18.00 -10.68
O4 NAG E . 36.10 20.52 -9.72
O5 NAG E . 35.70 21.25 -13.41
O6 NAG E . 36.50 23.84 -12.47
O7 NAG E . 35.62 16.18 -13.25
C1 NAG E . 37.34 20.61 -9.16
C2 NAG E . 37.34 21.62 -8.01
C3 NAG E . 38.75 21.67 -7.46
C4 NAG E . 39.15 20.30 -6.95
C5 NAG E . 39.06 19.26 -8.11
C6 NAG E . 39.38 17.80 -7.70
C7 NAG E . 35.83 23.54 -8.08
C8 NAG E . 35.57 24.90 -8.70
N2 NAG E . 36.94 22.93 -8.52
O3 NAG E . 38.84 22.61 -6.38
O4 NAG E . 40.50 20.48 -6.49
O5 NAG E . 37.73 19.28 -8.72
O6 NAG E . 38.18 17.04 -7.50
O7 NAG E . 35.06 23.06 -7.24
C1 BMA E . 40.91 19.97 -5.29
C2 BMA E . 42.41 19.72 -5.43
C3 BMA E . 42.91 19.11 -4.10
C4 BMA E . 42.59 20.01 -2.88
C5 BMA E . 41.07 20.47 -2.87
C6 BMA E . 40.77 21.60 -1.89
O2 BMA E . 43.08 20.97 -5.69
O3 BMA E . 44.33 18.89 -4.19
O4 BMA E . 42.89 19.23 -1.69
O5 BMA E . 40.65 20.95 -4.23
O6 BMA E . 39.37 21.98 -1.94
C1 NAG F . 1.29 -31.21 -22.01
C2 NAG F . 2.50 -32.15 -22.36
C3 NAG F . 2.04 -33.63 -22.38
C4 NAG F . 1.45 -33.96 -21.00
C5 NAG F . 0.26 -33.01 -20.69
C6 NAG F . -0.39 -33.25 -19.31
C7 NAG F . 4.45 -31.66 -23.80
C8 NAG F . 4.87 -31.29 -25.21
N2 NAG F . 3.11 -31.79 -23.65
O3 NAG F . 3.12 -34.50 -22.67
O4 NAG F . 1.01 -35.35 -20.95
O5 NAG F . 0.70 -31.60 -20.74
O6 NAG F . 0.41 -32.64 -18.25
O7 NAG F . 5.28 -31.81 -22.89
C1 NAG F . 1.44 -36.36 -20.10
C2 NAG F . 0.33 -37.44 -19.97
C3 NAG F . 0.80 -38.59 -19.00
C4 NAG F . 2.05 -39.21 -19.58
C5 NAG F . 3.18 -38.10 -19.72
C6 NAG F . 4.49 -38.70 -20.32
C7 NAG F . -2.03 -36.72 -20.19
C8 NAG F . -3.19 -36.04 -19.50
N2 NAG F . -0.91 -36.81 -19.45
O3 NAG F . -0.21 -39.60 -18.88
O4 NAG F . 2.50 -40.29 -18.69
O5 NAG F . 2.69 -37.00 -20.61
O6 NAG F . 5.55 -37.73 -20.48
O7 NAG F . -2.14 -37.16 -21.37
C1 FUC F . 1.73 -32.57 -17.75
C2 FUC F . 1.12 -32.77 -16.34
C3 FUC F . 2.26 -32.50 -15.31
C4 FUC F . 3.61 -33.31 -15.61
C5 FUC F . 4.00 -33.45 -17.13
C6 FUC F . 4.91 -32.43 -17.86
O2 FUC F . 0.63 -34.11 -16.17
O3 FUC F . 2.56 -31.10 -15.29
O4 FUC F . 4.71 -32.68 -14.92
O5 FUC F . 2.78 -33.59 -17.94
#